data_8TZC
#
_entry.id   8TZC
#
_cell.length_a   1.00
_cell.length_b   1.00
_cell.length_c   1.00
_cell.angle_alpha   90.00
_cell.angle_beta   90.00
_cell.angle_gamma   90.00
#
_symmetry.space_group_name_H-M   'P 1'
#
loop_
_entity.id
_entity.type
_entity.pdbx_description
1 polymer 'Leucine-rich repeat serine/threonine-protein kinase 2'
2 polymer 'E11 DARPin'
3 non-polymer (2~{R},6~{S})-2,6-dimethyl-4-[6-[5-(1-methylcyclopropyl)oxy-1~{H}-indazol-3-yl]pyrimidin-4-yl]morpholine
4 non-polymer "GUANOSINE-5'-DIPHOSPHATE"
5 water water
#
loop_
_entity_poly.entity_id
_entity_poly.type
_entity_poly.pdbx_seq_one_letter_code
_entity_poly.pdbx_strand_id
1 'polypeptide(L)'
;NRMKLMIVGNTGSGKTTLLQQLMKTKKSDLGMQSATVGIDVKDWPIQIRDKRKRDLVLNVWDFAGREEFYSTHPHFMTQR
ALYLAVYDLSKGQAEVDAMKPWLFNIKARASSSPVILVGTHLDVSDEKQRKACMSKITKELLNKRGFPAIRDYHFVNATE
ESDALAKLRKTIINESLNFKIRDQLVVGQLIPDCYVELEKIILSERKNVPIEFPVIDRKRLLQLVRENQLQLDENELPHA
VHFLNESGVLLHFQDPALQLSDLYFVEPKWLCKIMAQILTVKVEGCPKHPKGIISRRDVEKFLSKKRKFPKNYMSQYFKL
LEKFQIALPIGEEYLLVPSSLSDHRPVIELPHCENSEIIIRLYEMPYFPMGFWSRLINRLLEISPYMLSGRERALRPNRM
YWRQGIYLNWSPEAYCLVGSEVLDNHPESFLKITVPSCRKGCILLGQVVDHIDSLMEEWFPGLLEIDICGEGETLLKKWA
LYSFNDGEEHQKILLDDLMKKAEEGDLLVNPDQPRLTIPISQIAPDLILADLPRNIMLNNDELEFEQAPEFLLGDGSFGS
VYRAAYEGEEVAVKIFNKHTSLRLLRQELVVLCHLHHPSLISLLAAGIRPRMLVMELASKGSLDRLLQQDKASLTRTLQH
RIALHVADGLRYLHSAMIIYRDLKPHNVLLFTLYPNAAIIAKIADYSIAQYCCRMGIKTSEGTPGFRAPEVARGNVIYNQ
QADVYSFGLLLYDILTTGGRIVEGLKFPNEFDELEIQGKLPDPVKEYGCAPWPMVEKLIKQCLKENPQERPTSAQVFDIL
NSAELVCLTRRILLPKNVIVECMVATHHNSRNASIWLGCGHTDRGQLSFLDLNTEGYTSEEVADSRILCLALVHLPVEKE
SWIVSGTQSGTLLVINTEDGKKRHTLEKMTDSVTCLYCNSFSKQSKQKNFLLVGTADGKLAIFEDKTVKLKGAAPLKILN
IGNVSTPLMCLSESTNSTERNVMWGGCGTKIFSFSNDFTIQKLIETRTSQLFSYAAFSDSNIITVVVDTALYIAKQNSPV
VEVWDKKTEKLCGLIDCVHFLREVMVKENKESKHKMSYSGRVKTLCLQKNTALWIGTGGGHILLLDLSTRRLIRVIYNFC
NSVRVMMTAQLGSLKNVMLVLGYNRKNTEGTQKQKEIQSCLTVWDINLPHEVQNLEKHIEVRKELAEKMRRTSVE
;
A
2 'polypeptide(L)'
;MRGSHHHHHHHHGSDLGKKLLEAARAGQDDEVRILMANGADVNATDEAGVTPLHLAADSGHLEIVEVLLKTGADVNAWDH
YGFTPLHLAAHVGHLEIVEVLLKAGADVNAQDHAGWTPLHLAALYGHLEIVEVLLKHGADVNAQDMWGETPFDLAIDNGN
EDIAEVLQKAAKLNDYKDDDDK
;
B
#
loop_
_chem_comp.id
_chem_comp.type
_chem_comp.name
_chem_comp.formula
A1N non-polymer (2~{R},6~{S})-2,6-dimethyl-4-[6-[5-(1-methylcyclopropyl)oxy-1~{H}-indazol-3-yl]pyrimidin-4-yl]morpholine 'C21 H25 N5 O2'
GDP RNA linking GUANOSINE-5'-DIPHOSPHATE 'C10 H15 N5 O11 P2'
#
# COMPACT_ATOMS: atom_id res chain seq x y z
N ASN A 1 9.23 -14.38 -44.66
CA ASN A 1 10.50 -14.39 -43.96
C ASN A 1 11.21 -13.05 -44.11
N ARG A 2 11.27 -12.29 -43.03
CA ARG A 2 11.92 -10.98 -43.03
C ARG A 2 12.76 -10.83 -41.77
N MET A 3 13.81 -10.02 -41.86
CA MET A 3 14.66 -9.74 -40.71
C MET A 3 15.39 -8.42 -40.95
N LYS A 4 15.90 -7.85 -39.87
CA LYS A 4 16.53 -6.55 -39.91
C LYS A 4 17.95 -6.63 -40.46
N LEU A 5 18.52 -5.46 -40.76
CA LEU A 5 19.89 -5.37 -41.26
C LEU A 5 20.46 -4.04 -40.78
N MET A 6 21.31 -4.09 -39.75
CA MET A 6 21.90 -2.90 -39.19
C MET A 6 23.18 -2.54 -39.93
N ILE A 7 23.33 -1.26 -40.26
CA ILE A 7 24.55 -0.75 -40.88
C ILE A 7 25.16 0.21 -39.86
N VAL A 8 26.22 -0.22 -39.19
CA VAL A 8 26.81 0.54 -38.10
C VAL A 8 28.21 0.98 -38.50
N GLY A 9 28.70 1.99 -37.80
CA GLY A 9 30.04 2.50 -38.06
C GLY A 9 30.17 3.92 -37.55
N ASN A 10 31.39 4.44 -37.67
CA ASN A 10 31.68 5.79 -37.23
C ASN A 10 31.10 6.81 -38.21
N THR A 11 31.02 8.06 -37.75
CA THR A 11 30.47 9.12 -38.57
C THR A 11 31.34 9.36 -39.80
N GLY A 12 30.69 9.60 -40.94
CA GLY A 12 31.39 9.81 -42.19
C GLY A 12 31.97 8.57 -42.82
N SER A 13 31.67 7.38 -42.29
CA SER A 13 32.20 6.16 -42.86
C SER A 13 31.67 5.92 -44.27
N GLY A 14 30.39 6.17 -44.49
CA GLY A 14 29.80 5.96 -45.80
C GLY A 14 28.45 5.28 -45.75
N LYS A 15 27.93 5.04 -44.54
CA LYS A 15 26.63 4.40 -44.37
C LYS A 15 25.51 5.30 -44.88
N THR A 17 25.55 6.48 -47.95
CA THR A 17 26.16 6.50 -49.28
C THR A 17 26.47 5.08 -49.76
N LEU A 18 26.46 4.14 -48.82
CA LEU A 18 26.60 2.71 -49.13
C LEU A 18 25.26 2.00 -49.19
N LEU A 19 24.35 2.33 -48.28
CA LEU A 19 23.02 1.72 -48.30
C LEU A 19 22.28 2.10 -49.57
N GLN A 20 22.39 3.36 -50.01
CA GLN A 20 21.70 3.80 -51.22
C GLN A 20 22.17 3.01 -52.43
N GLN A 21 23.48 2.79 -52.56
CA GLN A 21 23.98 1.97 -53.65
C GLN A 21 23.60 0.51 -53.47
N LEU A 22 23.44 0.05 -52.23
CA LEU A 22 22.96 -1.30 -51.99
C LEU A 22 21.54 -1.48 -52.52
N MET A 23 20.69 -0.46 -52.36
CA MET A 23 19.34 -0.50 -52.91
C MET A 23 19.38 -0.58 -54.44
N ALA A 35 24.90 13.54 -42.71
CA ALA A 35 24.94 12.93 -41.39
C ALA A 35 23.54 12.64 -40.88
N THR A 36 23.19 11.37 -40.81
CA THR A 36 21.87 10.97 -40.35
C THR A 36 21.70 11.28 -38.87
N VAL A 37 20.47 11.61 -38.49
CA VAL A 37 20.10 11.93 -37.11
C VAL A 37 19.32 10.75 -36.56
N GLY A 38 19.74 10.23 -35.41
CA GLY A 38 19.11 9.08 -34.82
C GLY A 38 19.36 7.81 -35.62
N ILE A 39 18.29 7.16 -36.08
CA ILE A 39 18.39 5.95 -36.86
C ILE A 39 17.48 6.09 -38.08
N ASP A 40 18.01 5.77 -39.26
CA ASP A 40 17.22 5.74 -40.49
C ASP A 40 16.73 4.31 -40.72
N VAL A 41 15.42 4.16 -40.86
CA VAL A 41 14.79 2.85 -41.05
C VAL A 41 14.11 2.85 -42.41
N LYS A 42 14.48 1.91 -43.27
CA LYS A 42 13.90 1.80 -44.60
C LYS A 42 13.49 0.36 -44.88
N ASP A 43 13.07 0.09 -46.12
CA ASP A 43 12.73 -1.25 -46.57
C ASP A 43 13.52 -1.55 -47.83
N TRP A 44 13.97 -2.79 -47.97
CA TRP A 44 14.84 -3.19 -49.07
C TRP A 44 14.58 -4.65 -49.40
N PRO A 45 13.73 -4.94 -50.40
CA PRO A 45 13.44 -6.31 -50.83
C PRO A 45 14.65 -6.97 -51.51
N VAL A 57 11.72 -7.10 -48.00
CA VAL A 57 12.22 -8.22 -47.22
C VAL A 57 13.05 -7.71 -46.04
N LEU A 58 14.28 -7.27 -46.34
CA LEU A 58 15.19 -6.75 -45.33
C LEU A 58 14.84 -5.30 -45.04
N ASN A 59 14.52 -5.01 -43.77
CA ASN A 59 14.28 -3.65 -43.32
C ASN A 59 15.57 -3.12 -42.71
N VAL A 60 16.27 -2.26 -43.44
CA VAL A 60 17.55 -1.78 -42.99
C VAL A 60 17.37 -0.79 -41.84
N TRP A 61 18.43 -0.66 -41.03
CA TRP A 61 18.45 0.24 -39.87
C TRP A 61 19.80 0.96 -39.92
N ASP A 62 19.83 2.09 -40.62
CA ASP A 62 21.07 2.87 -40.75
C ASP A 62 21.30 3.67 -39.48
N PHE A 63 22.37 3.35 -38.77
CA PHE A 63 22.70 4.02 -37.52
C PHE A 63 23.50 5.29 -37.79
N ALA A 64 23.50 6.19 -36.81
CA ALA A 64 24.25 7.42 -36.90
C ALA A 64 25.59 7.27 -36.19
N GLY A 65 26.66 7.65 -36.87
CA GLY A 65 28.00 7.52 -36.33
C GLY A 65 28.43 8.65 -35.42
N ARG A 66 27.60 9.66 -35.22
CA ARG A 66 27.93 10.77 -34.34
C ARG A 66 27.76 10.35 -32.89
N GLU A 67 28.68 10.81 -32.04
CA GLU A 67 28.80 10.27 -30.68
C GLU A 67 27.60 10.57 -29.81
N GLU A 68 26.78 11.56 -30.15
CA GLU A 68 25.69 11.96 -29.26
C GLU A 68 24.59 10.90 -29.19
N PHE A 69 24.41 10.11 -30.26
CA PHE A 69 23.38 9.08 -30.27
C PHE A 69 23.88 7.73 -29.78
N TYR A 70 25.17 7.62 -29.47
CA TYR A 70 25.73 6.34 -29.03
C TYR A 70 25.10 5.86 -27.74
N SER A 71 24.65 6.78 -26.89
CA SER A 71 24.04 6.38 -25.62
C SER A 71 22.76 5.59 -25.84
N THR A 72 21.92 6.02 -26.77
CA THR A 72 20.66 5.36 -27.05
C THR A 72 20.75 4.33 -28.17
N HIS A 73 21.90 4.22 -28.82
CA HIS A 73 22.07 3.17 -29.83
C HIS A 73 21.86 1.76 -29.31
N PRO A 74 22.37 1.36 -28.13
CA PRO A 74 22.17 -0.04 -27.71
C PRO A 74 20.72 -0.45 -27.55
N HIS A 75 19.81 0.49 -27.27
CA HIS A 75 18.41 0.14 -27.08
C HIS A 75 17.75 -0.38 -28.35
N PHE A 76 18.38 -0.17 -29.51
CA PHE A 76 17.82 -0.58 -30.79
C PHE A 76 18.72 -1.58 -31.49
N MET A 77 19.26 -2.54 -30.73
CA MET A 77 20.09 -3.62 -31.27
C MET A 77 19.48 -4.96 -30.89
N THR A 78 19.30 -5.83 -31.87
CA THR A 78 18.67 -7.13 -31.67
C THR A 78 19.58 -8.22 -32.22
N GLN A 79 19.16 -9.48 -32.03
CA GLN A 79 19.95 -10.62 -32.48
C GLN A 79 19.56 -11.11 -33.87
N ARG A 80 18.33 -10.81 -34.33
CA ARG A 80 17.88 -11.28 -35.64
C ARG A 80 18.53 -10.51 -36.79
N ALA A 81 19.29 -9.47 -36.51
CA ALA A 81 19.77 -8.58 -37.54
C ALA A 81 21.02 -9.15 -38.23
N LEU A 82 21.57 -8.36 -39.16
CA LEU A 82 22.66 -8.80 -40.03
C LEU A 82 23.69 -7.66 -40.07
N TYR A 83 24.13 -7.25 -38.87
CA TYR A 83 24.99 -6.08 -38.68
C TYR A 83 26.13 -6.01 -39.70
N LEU A 84 26.20 -4.89 -40.42
CA LEU A 84 27.36 -4.54 -41.24
C LEU A 84 28.18 -3.50 -40.49
N ALA A 85 29.46 -3.80 -40.27
CA ALA A 85 30.39 -2.86 -39.66
C ALA A 85 31.12 -2.11 -40.77
N VAL A 86 30.82 -0.83 -40.92
CA VAL A 86 31.38 -0.01 -42.00
C VAL A 86 32.48 0.87 -41.41
N TYR A 87 33.71 0.64 -41.87
CA TYR A 87 34.86 1.42 -41.45
C TYR A 87 35.57 2.00 -42.68
N ASP A 88 36.17 3.17 -42.50
CA ASP A 88 36.87 3.86 -43.58
C ASP A 88 38.11 3.09 -44.01
N PRO A 101 33.42 -1.42 -29.59
CA PRO A 101 32.34 -0.52 -29.14
C PRO A 101 30.98 -0.99 -29.62
N TRP A 102 30.82 -1.06 -30.94
CA TRP A 102 29.57 -1.57 -31.52
C TRP A 102 29.37 -3.05 -31.18
N LEU A 103 30.45 -3.82 -31.22
CA LEU A 103 30.36 -5.27 -31.05
C LEU A 103 30.12 -5.70 -29.60
N PHE A 104 30.18 -4.76 -28.65
CA PHE A 104 29.94 -5.08 -27.25
C PHE A 104 28.51 -5.59 -27.04
N PRO A 114 25.91 -12.61 -36.63
CA PRO A 114 26.14 -12.62 -38.08
C PRO A 114 26.75 -11.32 -38.57
N VAL A 115 27.76 -10.83 -37.87
CA VAL A 115 28.39 -9.55 -38.21
C VAL A 115 29.39 -9.77 -39.32
N ILE A 116 29.31 -8.94 -40.36
CA ILE A 116 30.29 -8.92 -41.43
C ILE A 116 30.87 -7.51 -41.52
N LEU A 117 32.12 -7.42 -41.95
CA LEU A 117 32.84 -6.15 -42.01
C LEU A 117 33.02 -5.75 -43.46
N VAL A 118 32.70 -4.48 -43.76
CA VAL A 118 32.87 -3.92 -45.09
C VAL A 118 33.61 -2.60 -44.97
N GLY A 119 34.64 -2.42 -45.78
CA GLY A 119 35.44 -1.21 -45.78
C GLY A 119 35.01 -0.25 -46.88
N THR A 120 35.17 1.04 -46.59
CA THR A 120 34.81 2.07 -47.56
C THR A 120 36.01 2.95 -47.91
N ILE A 150 32.97 -11.71 -36.82
CA ILE A 150 33.26 -11.25 -38.16
C ILE A 150 33.27 -12.43 -39.12
N ARG A 151 32.12 -12.67 -39.77
CA ARG A 151 31.98 -13.81 -40.67
C ARG A 151 32.53 -13.56 -42.06
N ASP A 152 32.81 -12.30 -42.41
CA ASP A 152 33.31 -11.98 -43.74
C ASP A 152 34.00 -10.62 -43.70
N TYR A 153 34.76 -10.34 -44.75
CA TYR A 153 35.44 -9.06 -44.91
C TYR A 153 35.32 -8.60 -46.35
N HIS A 154 35.04 -7.31 -46.54
CA HIS A 154 34.81 -6.76 -47.86
C HIS A 154 35.30 -5.33 -47.93
N PHE A 155 35.54 -4.86 -49.15
CA PHE A 155 35.91 -3.48 -49.41
C PHE A 155 35.11 -2.97 -50.60
N VAL A 156 34.69 -1.71 -50.52
CA VAL A 156 33.90 -1.10 -51.58
C VAL A 156 34.54 0.21 -52.05
N ARG A 169 26.70 -6.73 -52.43
CA ARG A 169 25.27 -7.01 -52.31
C ARG A 169 25.02 -8.52 -52.35
N LYS A 170 25.78 -9.21 -53.19
CA LYS A 170 25.65 -10.66 -53.28
C LYS A 170 26.04 -11.33 -51.96
N THR A 171 27.08 -10.82 -51.31
CA THR A 171 27.52 -11.39 -50.04
C THR A 171 26.45 -11.23 -48.96
N ILE A 172 25.78 -10.08 -48.93
CA ILE A 172 24.76 -9.82 -47.91
C ILE A 172 23.63 -10.84 -48.02
N ILE A 173 23.15 -11.08 -49.24
CA ILE A 173 22.09 -12.06 -49.44
C ILE A 173 22.56 -13.46 -49.08
N ASN A 174 23.78 -13.81 -49.49
CA ASN A 174 24.32 -15.14 -49.20
C ASN A 174 24.54 -15.32 -47.69
N GLU A 175 25.06 -14.29 -47.02
CA GLU A 175 25.32 -14.39 -45.59
C GLU A 175 24.05 -14.37 -44.77
N SER A 176 22.95 -13.85 -45.31
CA SER A 176 21.69 -13.79 -44.58
C SER A 176 20.93 -15.10 -44.61
N LEU A 177 21.38 -16.09 -45.38
CA LEU A 177 20.70 -17.38 -45.47
C LEU A 177 21.47 -18.44 -44.70
N ALA A 240 2.50 -12.80 -29.90
CA ALA A 240 2.29 -12.09 -31.17
C ALA A 240 2.87 -10.69 -31.09
N VAL A 241 2.54 -9.97 -30.01
CA VAL A 241 3.05 -8.61 -29.82
C VAL A 241 4.56 -8.63 -29.65
N HIS A 242 5.07 -9.56 -28.84
CA HIS A 242 6.51 -9.65 -28.62
C HIS A 242 7.24 -10.03 -29.90
N PHE A 243 6.66 -10.94 -30.69
CA PHE A 243 7.31 -11.37 -31.93
C PHE A 243 7.32 -10.25 -32.96
N LEU A 244 6.35 -9.34 -32.90
CA LEU A 244 6.31 -8.24 -33.87
C LEU A 244 7.43 -7.24 -33.62
N ASN A 245 7.87 -7.09 -32.37
CA ASN A 245 8.96 -6.16 -32.08
C ASN A 245 10.27 -6.59 -32.74
N GLU A 246 10.57 -7.89 -32.70
CA GLU A 246 11.80 -8.38 -33.31
C GLU A 246 11.81 -8.18 -34.81
N SER A 247 10.65 -8.41 -35.46
CA SER A 247 10.56 -8.20 -36.90
C SER A 247 10.78 -6.74 -37.27
N GLY A 248 10.24 -5.82 -36.48
CA GLY A 248 10.38 -4.40 -36.73
C GLY A 248 9.14 -3.68 -37.20
N VAL A 249 7.97 -4.33 -37.18
CA VAL A 249 6.74 -3.67 -37.59
C VAL A 249 6.40 -2.54 -36.62
N LEU A 250 6.49 -2.81 -35.32
CA LEU A 250 6.24 -1.79 -34.31
C LEU A 250 7.09 -2.09 -33.09
N LEU A 251 7.31 -1.05 -32.28
CA LEU A 251 8.11 -1.15 -31.07
C LEU A 251 7.21 -1.14 -29.85
N HIS A 252 7.53 -1.99 -28.87
CA HIS A 252 6.79 -2.06 -27.63
C HIS A 252 7.68 -2.65 -26.55
N PHE A 253 7.61 -2.08 -25.35
CA PHE A 253 8.39 -2.53 -24.21
C PHE A 253 7.43 -2.98 -23.12
N GLN A 254 7.49 -4.25 -22.75
CA GLN A 254 6.62 -4.82 -21.74
C GLN A 254 7.23 -4.79 -20.34
N ASP A 255 8.43 -4.22 -20.20
CA ASP A 255 9.09 -4.21 -18.90
C ASP A 255 8.42 -3.20 -17.98
N PRO A 256 8.16 -3.58 -16.71
CA PRO A 256 7.47 -2.65 -15.80
C PRO A 256 8.26 -1.41 -15.46
N ALA A 257 9.60 -1.43 -15.60
CA ALA A 257 10.41 -0.29 -15.18
C ALA A 257 10.08 0.96 -15.97
N LEU A 258 9.93 0.84 -17.30
CA LEU A 258 9.60 1.99 -18.12
C LEU A 258 8.15 2.43 -17.96
N GLN A 259 7.30 1.59 -17.36
CA GLN A 259 5.92 1.95 -17.03
C GLN A 259 5.14 2.41 -18.26
N LEU A 260 5.29 1.68 -19.37
CA LEU A 260 4.57 2.00 -20.60
C LEU A 260 4.05 0.73 -21.30
N SER A 261 3.65 -0.27 -20.52
CA SER A 261 3.20 -1.53 -21.08
C SER A 261 1.79 -1.45 -21.68
N ASP A 262 1.16 -0.28 -21.63
CA ASP A 262 -0.18 -0.07 -22.18
C ASP A 262 -0.16 0.97 -23.30
N LEU A 263 0.91 0.96 -24.11
CA LEU A 263 1.05 1.94 -25.18
C LEU A 263 1.87 1.30 -26.30
N TYR A 264 1.19 0.91 -27.38
CA TYR A 264 1.83 0.36 -28.56
C TYR A 264 1.91 1.45 -29.62
N PHE A 265 3.12 1.75 -30.09
CA PHE A 265 3.32 2.75 -31.14
C PHE A 265 3.84 2.09 -32.40
N VAL A 266 3.12 2.29 -33.51
CA VAL A 266 3.52 1.80 -34.82
C VAL A 266 4.54 2.79 -35.39
N GLU A 267 5.20 2.41 -36.49
CA GLU A 267 6.23 3.21 -37.14
C GLU A 267 7.39 3.44 -36.20
N PRO A 268 8.22 2.41 -35.95
CA PRO A 268 9.35 2.58 -35.02
C PRO A 268 10.34 3.63 -35.47
N LYS A 269 10.42 3.93 -36.77
CA LYS A 269 11.36 4.93 -37.26
C LYS A 269 11.06 6.31 -36.68
N TRP A 270 9.79 6.59 -36.38
CA TRP A 270 9.44 7.87 -35.77
C TRP A 270 10.07 8.02 -34.39
N LEU A 271 10.06 6.95 -33.59
CA LEU A 271 10.59 7.04 -32.24
C LEU A 271 12.09 7.28 -32.24
N CYS A 272 12.81 6.64 -33.17
CA CYS A 272 14.25 6.85 -33.26
C CYS A 272 14.58 8.30 -33.61
N LYS A 273 13.84 8.88 -34.56
CA LYS A 273 14.07 10.27 -34.94
C LYS A 273 13.71 11.21 -33.80
N ILE A 274 12.61 10.94 -33.10
CA ILE A 274 12.17 11.83 -32.03
C ILE A 274 13.12 11.78 -30.84
N MET A 275 13.69 10.61 -30.56
CA MET A 275 14.65 10.48 -29.48
C MET A 275 15.94 11.26 -29.74
N ALA A 276 16.17 11.72 -30.97
CA ALA A 276 17.43 12.36 -31.33
C ALA A 276 17.29 13.83 -31.69
N GLN A 277 16.08 14.35 -31.89
CA GLN A 277 15.94 15.75 -32.24
C GLN A 277 16.27 16.69 -31.09
N ILE A 278 16.21 16.19 -29.85
CA ILE A 278 16.57 17.03 -28.70
C ILE A 278 18.07 17.28 -28.64
N LEU A 279 18.85 16.54 -29.42
CA LEU A 279 20.29 16.73 -29.47
C LEU A 279 20.85 16.44 -30.86
N LYS A 291 27.98 22.31 -24.42
CA LYS A 291 27.19 22.88 -23.33
C LYS A 291 25.79 22.27 -23.31
N GLY A 292 25.66 21.08 -22.75
CA GLY A 292 24.38 20.41 -22.71
C GLY A 292 23.64 20.56 -21.41
N ILE A 293 22.68 21.50 -21.38
CA ILE A 293 21.76 21.67 -20.27
C ILE A 293 20.54 22.43 -20.77
N ILE A 294 19.35 21.92 -20.45
CA ILE A 294 18.10 22.51 -20.93
C ILE A 294 17.05 22.39 -19.83
N SER A 295 16.03 23.25 -19.93
CA SER A 295 14.87 23.19 -19.06
C SER A 295 13.68 22.61 -19.82
N ARG A 296 12.61 22.29 -19.09
CA ARG A 296 11.44 21.68 -19.71
C ARG A 296 10.82 22.60 -20.74
N ARG A 297 10.66 23.89 -20.41
CA ARG A 297 10.04 24.83 -21.33
C ARG A 297 10.91 25.11 -22.55
N ASP A 298 12.22 24.88 -22.46
CA ASP A 298 13.11 25.14 -23.59
C ASP A 298 12.79 24.24 -24.78
N VAL A 299 12.50 22.96 -24.52
CA VAL A 299 12.24 22.01 -25.59
C VAL A 299 10.76 21.77 -25.82
N GLU A 300 9.88 22.29 -24.96
CA GLU A 300 8.45 22.16 -25.20
C GLU A 300 8.05 22.87 -26.49
N LYS A 301 8.59 24.06 -26.72
CA LYS A 301 8.34 24.81 -27.95
C LYS A 301 9.31 24.45 -29.07
N PHE A 302 10.29 23.59 -28.80
CA PHE A 302 11.27 23.15 -29.80
C PHE A 302 11.99 24.32 -30.44
N TYR A 317 5.54 12.65 -23.38
CA TYR A 317 6.75 12.70 -24.20
C TYR A 317 7.99 12.73 -23.31
N PHE A 318 7.86 13.34 -22.14
CA PHE A 318 8.98 13.50 -21.22
C PHE A 318 9.17 12.28 -20.33
N LYS A 319 8.31 11.27 -20.46
CA LYS A 319 8.51 9.99 -19.79
C LYS A 319 9.50 9.09 -20.52
N LEU A 320 9.54 9.19 -21.86
CA LEU A 320 10.56 8.48 -22.63
C LEU A 320 11.92 9.14 -22.53
N LEU A 321 11.96 10.46 -22.36
CA LEU A 321 13.23 11.19 -22.35
C LEU A 321 14.09 10.76 -21.17
N GLU A 322 13.50 10.64 -19.98
CA GLU A 322 14.25 10.18 -18.81
C GLU A 322 14.45 8.68 -18.79
N LYS A 323 13.65 7.92 -19.54
CA LYS A 323 13.73 6.47 -19.53
C LYS A 323 14.78 5.92 -20.50
N PHE A 324 15.37 6.77 -21.33
CA PHE A 324 16.39 6.34 -22.29
C PHE A 324 17.76 6.91 -21.96
N GLN A 325 17.95 7.43 -20.75
CA GLN A 325 19.22 8.04 -20.35
C GLN A 325 19.64 9.14 -21.33
N ILE A 326 18.66 9.93 -21.76
CA ILE A 326 18.90 10.99 -22.72
C ILE A 326 18.73 12.37 -22.09
N ALA A 327 17.75 12.53 -21.21
CA ALA A 327 17.51 13.78 -20.50
C ALA A 327 17.12 13.46 -19.06
N LEU A 328 18.10 13.45 -18.16
CA LEU A 328 17.86 13.11 -16.77
C LEU A 328 17.17 14.26 -16.04
N PRO A 329 16.28 13.95 -15.08
CA PRO A 329 15.61 15.02 -14.31
C PRO A 329 16.50 15.49 -13.17
N ILE A 330 16.87 16.77 -13.19
CA ILE A 330 17.67 17.37 -12.13
C ILE A 330 16.96 18.58 -11.55
N LEU A 335 16.68 19.43 -16.65
CA LEU A 335 17.07 18.30 -17.48
C LEU A 335 18.54 18.39 -17.88
N LEU A 336 19.32 17.40 -17.46
CA LEU A 336 20.77 17.44 -17.68
C LEU A 336 21.12 17.28 -19.14
N VAL A 337 20.56 16.28 -19.81
CA VAL A 337 20.91 15.93 -21.18
C VAL A 337 22.41 15.62 -21.17
N PRO A 338 22.81 14.46 -20.67
CA PRO A 338 24.26 14.17 -20.55
C PRO A 338 25.00 14.24 -21.88
N SER A 339 24.34 13.88 -22.98
CA SER A 339 24.97 14.03 -24.28
C SER A 339 25.10 15.50 -24.65
N SER A 340 26.00 15.78 -25.59
CA SER A 340 26.30 17.12 -26.08
C SER A 340 26.89 18.03 -25.00
N LEU A 341 27.28 17.47 -23.86
CA LEU A 341 27.98 18.25 -22.84
C LEU A 341 29.38 18.60 -23.32
N SER A 342 30.01 19.54 -22.62
CA SER A 342 31.33 20.01 -23.00
C SER A 342 32.34 18.87 -22.90
N ASP A 343 32.94 18.51 -24.03
CA ASP A 343 33.96 17.46 -24.02
C ASP A 343 35.23 17.92 -23.33
N HIS A 344 35.49 19.22 -23.31
CA HIS A 344 36.68 19.75 -22.67
C HIS A 344 36.52 19.71 -21.16
N ARG A 345 37.40 18.96 -20.50
CA ARG A 345 37.39 18.92 -19.04
C ARG A 345 37.91 20.24 -18.50
N PRO A 346 37.24 20.84 -17.50
CA PRO A 346 37.72 22.12 -16.96
C PRO A 346 38.99 21.95 -16.14
N VAL A 347 39.54 23.06 -15.65
CA VAL A 347 40.77 23.02 -14.84
C VAL A 347 40.31 22.96 -13.39
N ILE A 348 40.12 21.73 -12.89
CA ILE A 348 39.68 21.51 -11.52
C ILE A 348 40.92 21.32 -10.66
N GLU A 349 41.24 22.33 -9.85
CA GLU A 349 42.35 22.26 -8.92
C GLU A 349 41.79 21.84 -7.56
N LEU A 350 41.93 20.56 -7.23
CA LEU A 350 41.43 20.05 -5.98
C LEU A 350 42.34 20.49 -4.82
N PRO A 351 41.81 20.52 -3.61
CA PRO A 351 42.69 20.61 -2.43
C PRO A 351 43.37 19.27 -2.19
N HIS A 352 44.37 19.31 -1.30
CA HIS A 352 45.12 18.11 -0.91
C HIS A 352 45.77 17.46 -2.14
N CYS A 353 46.65 18.22 -2.78
CA CYS A 353 47.30 17.74 -4.00
C CYS A 353 48.40 16.72 -3.74
N GLU A 354 48.85 16.58 -2.49
CA GLU A 354 49.95 15.68 -2.18
C GLU A 354 49.50 14.22 -2.25
N ASN A 355 50.48 13.34 -2.47
CA ASN A 355 50.18 11.92 -2.62
C ASN A 355 49.58 11.33 -1.34
N SER A 356 50.11 11.68 -0.19
CA SER A 356 49.61 11.18 1.08
C SER A 356 48.28 11.78 1.47
N GLU A 357 47.66 12.56 0.59
CA GLU A 357 46.42 13.24 0.91
C GLU A 357 45.23 12.82 0.05
N ILE A 358 45.45 11.99 -0.98
CA ILE A 358 44.37 11.56 -1.86
C ILE A 358 44.49 10.06 -2.10
N ILE A 359 43.34 9.42 -2.32
CA ILE A 359 43.25 8.03 -2.74
C ILE A 359 42.76 8.01 -4.17
N ILE A 360 43.47 7.28 -5.04
CA ILE A 360 43.15 7.21 -6.46
C ILE A 360 42.84 5.77 -6.82
N ARG A 361 41.67 5.56 -7.44
CA ARG A 361 41.26 4.25 -7.91
C ARG A 361 41.13 4.28 -9.43
N LEU A 362 41.73 3.32 -10.10
CA LEU A 362 41.77 3.26 -11.56
C LEU A 362 40.98 2.07 -12.06
N TYR A 363 40.08 2.32 -13.00
CA TYR A 363 39.41 1.27 -13.77
C TYR A 363 39.93 1.34 -15.20
N GLU A 364 40.47 0.23 -15.70
CA GLU A 364 40.98 0.16 -17.05
C GLU A 364 40.11 -0.78 -17.87
N MET A 365 39.58 -0.28 -18.99
CA MET A 365 38.80 -1.07 -19.92
C MET A 365 39.36 -0.87 -21.32
N PRO A 366 39.20 -1.87 -22.20
CA PRO A 366 39.62 -1.66 -23.59
C PRO A 366 38.86 -0.54 -24.26
N TYR A 367 37.61 -0.29 -23.85
CA TYR A 367 36.78 0.75 -24.43
C TYR A 367 35.68 1.08 -23.44
N PHE A 368 35.05 2.24 -23.64
CA PHE A 368 33.87 2.61 -22.86
C PHE A 368 32.62 2.10 -23.54
N PRO A 369 31.81 1.27 -22.89
CA PRO A 369 30.55 0.84 -23.51
C PRO A 369 29.64 2.02 -23.80
N MET A 370 28.82 1.87 -24.83
CA MET A 370 27.92 2.94 -25.22
C MET A 370 26.88 3.18 -24.12
N GLY A 371 26.74 4.43 -23.70
CA GLY A 371 25.87 4.77 -22.60
C GLY A 371 26.45 4.55 -21.23
N PHE A 372 27.70 4.12 -21.13
CA PHE A 372 28.31 3.86 -19.83
C PHE A 372 28.43 5.14 -19.01
N TRP A 373 28.97 6.20 -19.60
CA TRP A 373 29.15 7.44 -18.87
C TRP A 373 27.82 8.09 -18.54
N SER A 374 26.85 8.01 -19.45
CA SER A 374 25.52 8.55 -19.16
C SER A 374 24.87 7.81 -17.99
N ARG A 375 24.95 6.48 -18.00
CA ARG A 375 24.38 5.70 -16.91
C ARG A 375 25.09 5.98 -15.59
N LEU A 376 26.42 6.09 -15.62
CA LEU A 376 27.17 6.37 -14.40
C LEU A 376 26.84 7.74 -13.84
N ILE A 377 26.76 8.75 -14.70
CA ILE A 377 26.42 10.10 -14.25
C ILE A 377 25.00 10.12 -13.68
N ASN A 378 24.07 9.44 -14.35
CA ASN A 378 22.70 9.37 -13.85
C ASN A 378 22.64 8.70 -12.48
N ARG A 379 23.37 7.61 -12.31
CA ARG A 379 23.38 6.94 -11.01
C ARG A 379 24.03 7.80 -9.94
N LEU A 380 25.09 8.53 -10.29
CA LEU A 380 25.80 9.33 -9.31
C LEU A 380 24.99 10.54 -8.86
N LEU A 381 24.26 11.18 -9.77
CA LEU A 381 23.38 12.26 -9.30
C LEU A 381 21.99 11.74 -8.97
N GLU A 382 21.97 10.64 -8.22
CA GLU A 382 20.76 10.17 -7.54
C GLU A 382 21.04 9.69 -6.13
N ILE A 383 22.27 9.29 -5.82
CA ILE A 383 22.66 8.91 -4.46
C ILE A 383 23.44 10.00 -3.76
N SER A 384 23.73 11.11 -4.43
CA SER A 384 24.53 12.17 -3.84
C SER A 384 23.98 12.70 -2.52
N PRO A 385 22.68 12.94 -2.33
CA PRO A 385 22.20 13.36 -1.02
C PRO A 385 22.46 12.34 0.09
N TYR A 386 22.61 11.07 -0.25
CA TYR A 386 22.76 10.01 0.75
C TYR A 386 24.12 9.32 0.69
N MET A 387 25.07 9.86 -0.06
CA MET A 387 26.38 9.23 -0.17
C MET A 387 27.24 9.47 1.06
N LEU A 388 27.02 10.56 1.78
CA LEU A 388 27.77 10.86 2.99
C LEU A 388 26.97 10.60 4.26
N SER A 389 25.77 11.15 4.36
CA SER A 389 24.93 10.96 5.54
C SER A 389 24.47 9.51 5.66
N ALA A 394 20.81 13.67 4.97
CA ALA A 394 20.62 13.91 3.55
C ALA A 394 21.02 15.33 3.18
N LEU A 395 22.25 15.49 2.68
CA LEU A 395 22.78 16.79 2.28
C LEU A 395 23.25 16.73 0.84
N ARG A 396 22.90 17.77 0.07
CA ARG A 396 23.22 17.85 -1.35
C ARG A 396 24.58 18.53 -1.56
N PRO A 397 25.48 17.94 -2.34
CA PRO A 397 26.75 18.59 -2.62
C PRO A 397 26.71 19.48 -3.86
N ASN A 398 27.85 20.08 -4.20
CA ASN A 398 28.01 20.76 -5.47
C ASN A 398 28.41 19.76 -6.55
N ARG A 399 27.92 19.99 -7.77
CA ARG A 399 28.11 19.04 -8.86
C ARG A 399 28.54 19.74 -10.13
N MET A 400 29.46 19.10 -10.86
CA MET A 400 29.86 19.52 -12.20
C MET A 400 29.87 18.31 -13.12
N TYR A 401 29.68 18.56 -14.42
CA TYR A 401 29.63 17.49 -15.41
C TYR A 401 30.31 17.93 -16.68
N TRP A 402 31.01 16.99 -17.35
CA TRP A 402 31.59 17.25 -18.66
C TRP A 402 31.46 16.04 -19.59
N ARG A 403 30.40 15.26 -19.42
CA ARG A 403 30.01 14.16 -20.33
C ARG A 403 30.94 12.96 -20.20
N GLN A 404 32.04 13.11 -19.49
CA GLN A 404 32.93 11.99 -19.20
C GLN A 404 33.49 12.10 -17.80
N GLY A 405 32.74 12.72 -16.91
CA GLY A 405 33.19 12.89 -15.54
C GLY A 405 32.14 13.66 -14.76
N ILE A 406 32.32 13.64 -13.44
CA ILE A 406 31.44 14.36 -12.54
C ILE A 406 32.17 14.60 -11.23
N TYR A 407 32.13 15.83 -10.73
CA TYR A 407 32.81 16.21 -9.50
C TYR A 407 31.77 16.55 -8.45
N LEU A 408 31.69 15.72 -7.40
CA LEU A 408 30.82 15.96 -6.27
C LEU A 408 31.63 16.56 -5.13
N ASN A 409 31.06 17.55 -4.45
CA ASN A 409 31.83 18.36 -3.51
C ASN A 409 30.95 18.73 -2.33
N TRP A 410 31.24 18.15 -1.17
CA TRP A 410 30.56 18.51 0.07
C TRP A 410 31.35 19.50 0.89
N SER A 411 32.67 19.45 0.84
CA SER A 411 33.57 20.30 1.61
C SER A 411 34.98 20.10 1.09
N PRO A 412 35.96 20.89 1.53
CA PRO A 412 37.35 20.61 1.14
C PRO A 412 37.87 19.27 1.64
N GLU A 413 37.22 18.69 2.66
CA GLU A 413 37.62 17.40 3.19
C GLU A 413 36.71 16.27 2.76
N ALA A 414 35.68 16.55 1.95
CA ALA A 414 34.74 15.53 1.50
C ALA A 414 34.30 15.87 0.08
N TYR A 415 34.98 15.27 -0.90
CA TYR A 415 34.66 15.45 -2.30
C TYR A 415 34.90 14.14 -3.03
N CYS A 416 34.58 14.13 -4.33
CA CYS A 416 34.80 12.96 -5.16
C CYS A 416 34.89 13.41 -6.61
N LEU A 417 35.95 12.99 -7.30
CA LEU A 417 36.18 13.37 -8.69
C LEU A 417 36.27 12.08 -9.51
N VAL A 418 35.16 11.70 -10.12
CA VAL A 418 35.10 10.53 -10.99
C VAL A 418 35.09 11.02 -12.42
N GLY A 419 36.14 10.69 -13.18
CA GLY A 419 36.25 11.14 -14.55
C GLY A 419 37.13 10.21 -15.35
N SER A 420 37.24 10.51 -16.65
CA SER A 420 38.04 9.73 -17.57
C SER A 420 39.40 10.38 -17.77
N GLU A 421 40.43 9.55 -17.93
CA GLU A 421 41.79 10.02 -18.13
C GLU A 421 42.48 9.14 -19.16
N VAL A 422 43.63 9.61 -19.63
CA VAL A 422 44.42 8.90 -20.63
C VAL A 422 45.87 8.82 -20.17
N LEU A 423 46.59 7.88 -20.75
CA LEU A 423 48.01 7.69 -20.43
C LEU A 423 48.89 8.07 -21.60
N PRO A 427 46.61 3.71 -24.58
CA PRO A 427 45.86 3.07 -25.67
C PRO A 427 44.53 2.47 -25.19
N GLU A 428 44.31 2.48 -23.89
CA GLU A 428 43.10 1.95 -23.29
C GLU A 428 42.25 3.10 -22.74
N SER A 429 41.11 2.74 -22.14
CA SER A 429 40.19 3.70 -21.56
C SER A 429 40.25 3.58 -20.05
N PHE A 430 40.51 4.70 -19.37
CA PHE A 430 40.70 4.73 -17.94
C PHE A 430 39.59 5.54 -17.28
N LEU A 431 39.02 4.99 -16.21
CA LEU A 431 38.08 5.71 -15.35
C LEU A 431 38.78 5.95 -14.03
N LYS A 432 38.99 7.22 -13.70
CA LYS A 432 39.76 7.61 -12.53
C LYS A 432 38.83 8.14 -11.45
N ILE A 433 39.01 7.66 -10.22
CA ILE A 433 38.27 8.13 -9.06
C ILE A 433 39.25 8.69 -8.06
N THR A 434 39.05 9.94 -7.67
CA THR A 434 39.91 10.63 -6.72
C THR A 434 39.09 11.11 -5.53
N VAL A 435 39.56 10.79 -4.33
CA VAL A 435 38.91 11.22 -3.09
C VAL A 435 39.98 11.66 -2.11
N PRO A 436 39.62 12.50 -1.14
CA PRO A 436 40.57 12.84 -0.08
C PRO A 436 40.90 11.62 0.77
N SER A 437 42.14 11.61 1.28
CA SER A 437 42.61 10.50 2.11
C SER A 437 42.27 10.78 3.57
N CYS A 438 40.97 10.71 3.87
CA CYS A 438 40.46 10.90 5.22
C CYS A 438 39.24 10.01 5.40
N ARG A 439 38.53 10.19 6.50
CA ARG A 439 37.39 9.33 6.81
C ARG A 439 36.26 9.51 5.80
N LYS A 440 35.87 10.76 5.55
CA LYS A 440 34.80 11.01 4.60
C LYS A 440 35.22 10.65 3.18
N GLY A 441 36.48 10.87 2.84
CA GLY A 441 36.98 10.45 1.54
C GLY A 441 36.93 8.95 1.35
N CYS A 442 37.29 8.19 2.39
CA CYS A 442 37.19 6.74 2.33
C CYS A 442 35.75 6.29 2.18
N ILE A 443 34.83 6.93 2.92
CA ILE A 443 33.42 6.59 2.80
C ILE A 443 32.93 6.84 1.37
N LEU A 444 33.30 7.99 0.81
CA LEU A 444 32.87 8.32 -0.55
C LEU A 444 33.45 7.36 -1.57
N LEU A 445 34.74 6.99 -1.41
CA LEU A 445 35.33 6.04 -2.33
C LEU A 445 34.64 4.69 -2.26
N GLY A 446 34.33 4.23 -1.04
CA GLY A 446 33.60 2.97 -0.91
C GLY A 446 32.25 3.01 -1.59
N GLN A 447 31.50 4.09 -1.36
CA GLN A 447 30.19 4.21 -1.99
C GLN A 447 30.30 4.25 -3.51
N VAL A 448 31.27 5.01 -4.03
CA VAL A 448 31.39 5.17 -5.47
C VAL A 448 31.80 3.87 -6.13
N VAL A 449 32.77 3.15 -5.54
CA VAL A 449 33.17 1.88 -6.15
C VAL A 449 32.07 0.84 -6.05
N ASP A 450 31.31 0.85 -4.94
CA ASP A 450 30.18 -0.07 -4.83
C ASP A 450 29.15 0.20 -5.91
N HIS A 451 28.82 1.48 -6.14
CA HIS A 451 27.80 1.80 -7.13
C HIS A 451 28.30 1.54 -8.55
N ILE A 452 29.58 1.81 -8.82
CA ILE A 452 30.13 1.51 -10.15
C ILE A 452 30.12 0.00 -10.39
N ASP A 453 30.49 -0.79 -9.39
CA ASP A 453 30.49 -2.24 -9.54
C ASP A 453 29.08 -2.76 -9.76
N SER A 454 28.10 -2.25 -9.01
CA SER A 454 26.72 -2.68 -9.20
C SER A 454 26.21 -2.28 -10.58
N LEU A 455 26.58 -1.08 -11.04
CA LEU A 455 26.19 -0.63 -12.37
C LEU A 455 26.74 -1.55 -13.46
N MET A 456 28.02 -1.89 -13.35
CA MET A 456 28.62 -2.80 -14.33
C MET A 456 27.97 -4.17 -14.29
N GLU A 457 27.73 -4.69 -13.08
CA GLU A 457 27.08 -6.00 -12.96
C GLU A 457 25.70 -5.99 -13.59
N GLU A 458 24.94 -4.92 -13.38
CA GLU A 458 23.56 -4.90 -13.86
C GLU A 458 23.46 -4.62 -15.35
N TRP A 459 24.31 -3.74 -15.89
CA TRP A 459 24.10 -3.24 -17.24
C TRP A 459 25.21 -3.58 -18.23
N PHE A 460 26.44 -3.82 -17.77
CA PHE A 460 27.55 -4.19 -18.64
C PHE A 460 28.24 -5.42 -18.07
N PRO A 461 27.56 -6.57 -18.07
CA PRO A 461 28.19 -7.79 -17.55
C PRO A 461 29.34 -8.29 -18.41
N GLY A 462 29.44 -7.84 -19.66
CA GLY A 462 30.52 -8.29 -20.51
C GLY A 462 31.89 -7.89 -20.01
N LEU A 463 32.00 -6.73 -19.37
CA LEU A 463 33.27 -6.28 -18.84
C LEU A 463 33.76 -7.14 -17.68
N LEU A 464 32.85 -7.81 -16.97
CA LEU A 464 33.19 -8.61 -15.80
C LEU A 464 33.27 -10.10 -16.11
N GLU A 465 33.21 -10.49 -17.38
CA GLU A 465 33.28 -11.90 -17.77
C GLU A 465 34.72 -12.38 -17.77
N THR A 474 39.78 -11.26 -17.64
CA THR A 474 38.78 -10.21 -17.50
C THR A 474 39.17 -8.98 -18.31
N LEU A 475 38.19 -8.40 -19.02
CA LEU A 475 38.45 -7.20 -19.80
C LEU A 475 38.78 -6.01 -18.90
N LEU A 476 38.11 -5.91 -17.76
CA LEU A 476 38.28 -4.78 -16.86
C LEU A 476 39.38 -5.07 -15.84
N LYS A 477 40.31 -4.14 -15.70
CA LYS A 477 41.36 -4.20 -14.70
C LYS A 477 41.21 -3.03 -13.75
N LYS A 478 41.27 -3.31 -12.45
CA LYS A 478 41.16 -2.29 -11.42
C LYS A 478 42.49 -2.16 -10.70
N TRP A 479 42.98 -0.92 -10.61
CA TRP A 479 44.29 -0.64 -10.02
C TRP A 479 44.13 0.27 -8.82
N ALA A 480 45.10 0.19 -7.92
CA ALA A 480 45.21 1.09 -6.77
C ALA A 480 46.52 1.84 -6.88
N LEU A 481 46.45 3.16 -6.81
CA LEU A 481 47.64 4.00 -6.93
C LEU A 481 48.20 4.30 -5.56
N TYR A 482 49.49 4.04 -5.37
CA TYR A 482 50.14 4.24 -4.08
C TYR A 482 51.54 4.81 -4.29
N SER A 483 52.04 5.47 -3.25
CA SER A 483 53.40 5.99 -3.24
C SER A 483 53.94 5.84 -1.82
N PHE A 484 55.18 5.39 -1.71
CA PHE A 484 55.78 5.19 -0.40
C PHE A 484 56.15 6.51 0.25
N ASN A 485 56.69 7.44 -0.53
CA ASN A 485 57.00 8.78 -0.06
C ASN A 485 56.13 9.78 -0.81
N ASP A 486 56.06 11.00 -0.26
CA ASP A 486 55.26 12.05 -0.89
C ASP A 486 56.11 12.90 -1.83
N GLY A 487 56.86 12.26 -2.72
CA GLY A 487 57.67 13.01 -3.67
C GLY A 487 57.87 12.39 -5.04
N GLU A 488 57.22 11.25 -5.31
CA GLU A 488 57.46 10.55 -6.56
C GLU A 488 56.14 10.23 -7.25
N GLU A 489 56.24 9.68 -8.45
CA GLU A 489 55.08 9.29 -9.22
C GLU A 489 54.38 8.09 -8.59
N HIS A 490 53.08 7.99 -8.82
CA HIS A 490 52.29 6.90 -8.27
C HIS A 490 52.64 5.58 -8.94
N GLN A 491 52.62 4.51 -8.16
CA GLN A 491 52.74 3.15 -8.67
C GLN A 491 51.39 2.45 -8.52
N LYS A 492 51.11 1.52 -9.43
CA LYS A 492 49.82 0.84 -9.49
C LYS A 492 49.98 -0.63 -9.13
N ILE A 493 49.03 -1.13 -8.35
CA ILE A 493 48.93 -2.54 -8.01
C ILE A 493 47.50 -3.00 -8.29
N LEU A 494 47.37 -4.18 -8.89
CA LEU A 494 46.05 -4.71 -9.21
C LEU A 494 45.24 -4.94 -7.93
N LEU A 495 43.94 -4.68 -8.00
CA LEU A 495 43.09 -4.82 -6.83
C LEU A 495 43.03 -6.26 -6.35
N ASP A 496 43.22 -7.23 -7.26
CA ASP A 496 43.22 -8.63 -6.84
C ASP A 496 44.48 -8.97 -6.05
N ASP A 497 45.64 -8.50 -6.49
CA ASP A 497 46.86 -8.70 -5.73
C ASP A 497 46.80 -7.98 -4.39
N LEU A 498 46.23 -6.77 -4.38
CA LEU A 498 46.08 -6.05 -3.12
C LEU A 498 45.12 -6.79 -2.18
N MET A 499 44.07 -7.40 -2.73
CA MET A 499 43.17 -8.18 -1.90
C MET A 499 43.86 -9.42 -1.34
N LYS A 500 44.70 -10.07 -2.15
CA LYS A 500 45.47 -11.20 -1.65
C LYS A 500 46.41 -10.78 -0.52
N LYS A 501 47.05 -9.61 -0.67
CA LYS A 501 47.94 -9.13 0.37
C LYS A 501 47.17 -8.69 1.62
N ALA A 502 45.96 -8.16 1.45
CA ALA A 502 45.14 -7.76 2.59
C ALA A 502 44.48 -8.96 3.27
N GLU A 503 44.44 -10.11 2.61
CA GLU A 503 43.94 -11.32 3.25
C GLU A 503 44.76 -11.66 4.49
N GLU A 504 46.07 -11.41 4.43
CA GLU A 504 46.97 -11.63 5.56
C GLU A 504 47.61 -10.30 5.94
N GLY A 505 47.24 -9.78 7.10
CA GLY A 505 47.76 -8.50 7.54
C GLY A 505 47.16 -7.31 6.83
N ASP A 506 47.24 -6.14 7.45
CA ASP A 506 46.67 -4.90 6.91
C ASP A 506 47.77 -3.90 6.61
N LEU A 507 48.87 -4.36 6.04
CA LEU A 507 50.02 -3.53 5.77
C LEU A 507 50.66 -3.94 4.44
N LEU A 508 51.09 -2.95 3.66
CA LEU A 508 51.77 -3.18 2.40
C LEU A 508 53.23 -2.82 2.54
N VAL A 509 54.10 -3.78 2.25
CA VAL A 509 55.54 -3.60 2.41
C VAL A 509 56.20 -3.60 1.03
N ASN A 510 57.33 -2.90 0.93
CA ASN A 510 58.08 -2.86 -0.32
C ASN A 510 58.74 -4.21 -0.59
N LEU A 516 60.13 1.49 3.98
CA LEU A 516 59.00 1.80 3.11
C LEU A 516 57.82 0.88 3.40
N THR A 517 56.73 1.47 3.87
CA THR A 517 55.54 0.71 4.27
C THR A 517 54.33 1.61 4.19
N ILE A 518 53.24 1.09 3.62
CA ILE A 518 51.97 1.81 3.52
C ILE A 518 50.89 0.93 4.12
N PRO A 519 49.99 1.46 4.94
CA PRO A 519 48.81 0.69 5.33
C PRO A 519 47.81 0.62 4.19
N ILE A 520 47.20 -0.55 4.02
CA ILE A 520 46.24 -0.75 2.94
C ILE A 520 45.00 0.12 3.13
N SER A 521 44.72 0.54 4.36
CA SER A 521 43.54 1.36 4.63
C SER A 521 43.61 2.73 3.97
N GLN A 522 44.77 3.16 3.50
CA GLN A 522 44.90 4.43 2.80
C GLN A 522 45.15 4.26 1.31
N ILE A 523 45.24 3.02 0.82
CA ILE A 523 45.36 2.76 -0.60
C ILE A 523 44.02 2.27 -1.13
N ALA A 524 43.51 1.19 -0.54
CA ALA A 524 42.21 0.63 -0.87
C ALA A 524 41.43 0.43 0.42
N PRO A 525 40.83 1.49 0.95
CA PRO A 525 40.01 1.35 2.17
C PRO A 525 38.71 0.59 1.95
N ASP A 526 38.47 0.05 0.76
CA ASP A 526 37.28 -0.74 0.51
C ASP A 526 37.53 -2.25 0.56
N LEU A 527 38.78 -2.69 0.38
CA LEU A 527 39.10 -4.11 0.52
C LEU A 527 38.93 -4.54 1.97
N ILE A 528 39.70 -3.94 2.87
CA ILE A 528 39.40 -4.00 4.29
C ILE A 528 38.32 -2.96 4.58
N LEU A 529 37.32 -3.33 5.37
CA LEU A 529 36.15 -2.48 5.49
C LEU A 529 36.42 -1.25 6.37
N ALA A 530 37.38 -0.42 5.93
CA ALA A 530 37.73 0.79 6.67
C ALA A 530 36.69 1.89 6.49
N ASP A 531 35.94 1.89 5.39
CA ASP A 531 34.93 2.92 5.15
C ASP A 531 33.62 2.63 5.87
N LEU A 532 33.50 1.48 6.52
CA LEU A 532 32.26 1.12 7.19
C LEU A 532 32.10 1.93 8.47
N PRO A 533 30.87 2.01 9.01
CA PRO A 533 30.61 2.86 10.19
C PRO A 533 31.52 2.64 11.38
N ARG A 534 32.34 1.59 11.34
CA ARG A 534 33.43 1.30 12.28
C ARG A 534 32.90 0.98 13.67
N ASN A 535 31.59 1.09 13.89
CA ASN A 535 31.00 0.51 15.09
C ASN A 535 30.74 -0.97 14.89
N ILE A 536 30.36 -1.37 13.68
CA ILE A 536 30.27 -2.79 13.32
C ILE A 536 31.62 -3.20 12.75
N MET A 537 32.55 -3.47 13.66
CA MET A 537 33.90 -3.90 13.33
C MET A 537 34.24 -5.11 14.16
N LEU A 538 34.83 -6.11 13.53
CA LEU A 538 35.05 -7.39 14.21
C LEU A 538 36.10 -7.25 15.31
N ASN A 539 35.97 -8.10 16.31
CA ASN A 539 36.82 -8.15 17.49
C ASN A 539 37.23 -9.59 17.78
N ASN A 540 37.77 -10.27 16.76
CA ASN A 540 37.93 -11.73 16.71
C ASN A 540 38.32 -12.37 18.05
N ASP A 541 39.09 -11.67 18.87
CA ASP A 541 39.36 -12.15 20.21
C ASP A 541 38.08 -12.26 21.04
N GLU A 542 37.10 -11.40 20.78
CA GLU A 542 35.83 -11.39 21.50
C GLU A 542 34.79 -12.32 20.87
N LEU A 543 35.11 -12.96 19.75
CA LEU A 543 34.20 -13.88 19.08
C LEU A 543 34.63 -15.31 19.34
N GLU A 544 33.68 -16.15 19.75
CA GLU A 544 33.90 -17.59 19.84
C GLU A 544 32.85 -18.31 18.99
N PHE A 545 33.32 -19.15 18.07
CA PHE A 545 32.44 -19.97 17.26
C PHE A 545 33.26 -21.11 16.68
N GLU A 546 32.58 -22.20 16.33
CA GLU A 546 33.26 -23.43 15.95
C GLU A 546 32.86 -23.96 14.57
N GLN A 547 31.73 -23.54 14.02
CA GLN A 547 31.28 -23.96 12.69
C GLN A 547 31.11 -25.48 12.61
N ALA A 548 30.14 -25.97 13.39
CA ALA A 548 29.80 -27.39 13.40
C ALA A 548 28.37 -27.58 12.92
N PRO A 549 28.05 -28.76 12.37
CA PRO A 549 26.67 -28.98 11.89
C PRO A 549 25.61 -28.85 12.96
N GLU A 550 25.95 -29.10 14.23
CA GLU A 550 24.96 -28.96 15.30
C GLU A 550 24.67 -27.50 15.63
N PHE A 551 25.55 -26.57 15.25
CA PHE A 551 25.32 -25.16 15.44
C PHE A 551 24.77 -24.47 14.20
N LEU A 552 24.54 -25.22 13.13
CA LEU A 552 24.02 -24.64 11.89
C LEU A 552 22.61 -24.12 12.12
N LEU A 553 22.33 -22.93 11.60
CA LEU A 553 21.00 -22.34 11.65
C LEU A 553 20.29 -22.35 10.32
N GLY A 554 21.03 -22.33 9.22
CA GLY A 554 20.42 -22.31 7.91
C GLY A 554 21.47 -22.07 6.84
N ASP A 555 20.98 -21.80 5.63
CA ASP A 555 21.83 -21.52 4.48
C ASP A 555 21.27 -20.32 3.73
N GLY A 556 22.15 -19.65 2.98
CA GLY A 556 21.76 -18.46 2.25
C GLY A 556 22.22 -18.42 0.81
N SER A 557 22.56 -19.60 0.27
CA SER A 557 22.93 -19.78 -1.13
C SER A 557 24.29 -19.18 -1.45
N PHE A 558 24.88 -18.48 -0.47
CA PHE A 558 26.25 -18.00 -0.56
C PHE A 558 27.03 -18.20 0.73
N GLY A 559 26.39 -18.65 1.79
CA GLY A 559 27.07 -18.92 3.04
C GLY A 559 26.11 -19.58 4.00
N SER A 560 26.68 -20.16 5.06
CA SER A 560 25.90 -20.86 6.07
C SER A 560 25.89 -20.05 7.36
N VAL A 561 24.72 -19.94 7.97
CA VAL A 561 24.55 -19.22 9.23
C VAL A 561 24.69 -20.22 10.38
N TYR A 562 25.50 -19.85 11.36
CA TYR A 562 25.80 -20.73 12.48
C TYR A 562 25.49 -20.03 13.79
N ARG A 563 25.20 -20.83 14.81
CA ARG A 563 25.06 -20.32 16.17
C ARG A 563 26.44 -20.01 16.74
N ALA A 564 26.54 -18.92 17.48
CA ALA A 564 27.84 -18.46 17.97
C ALA A 564 27.63 -17.55 19.17
N ALA A 565 28.74 -17.06 19.72
CA ALA A 565 28.73 -16.09 20.80
C ALA A 565 29.70 -14.97 20.46
N TYR A 566 29.25 -13.73 20.59
CA TYR A 566 30.06 -12.56 20.29
C TYR A 566 29.84 -11.54 21.40
N GLU A 567 30.91 -11.19 22.11
CA GLU A 567 30.84 -10.33 23.29
C GLU A 567 29.97 -10.95 24.38
N GLY A 568 29.98 -12.28 24.47
CA GLY A 568 29.29 -12.97 25.54
C GLY A 568 27.80 -13.20 25.34
N GLU A 569 27.27 -12.92 24.15
CA GLU A 569 25.86 -13.13 23.87
C GLU A 569 25.70 -14.00 22.63
N GLU A 570 24.59 -14.74 22.58
CA GLU A 570 24.34 -15.62 21.45
C GLU A 570 24.05 -14.80 20.20
N VAL A 571 24.71 -15.14 19.10
CA VAL A 571 24.61 -14.42 17.84
C VAL A 571 24.53 -15.44 16.71
N ALA A 572 24.33 -14.93 15.49
CA ALA A 572 24.35 -15.73 14.27
C ALA A 572 25.45 -15.21 13.36
N VAL A 573 26.25 -16.12 12.83
CA VAL A 573 27.40 -15.77 11.99
C VAL A 573 27.23 -16.44 10.64
N LYS A 574 27.33 -15.66 9.57
CA LYS A 574 27.17 -16.15 8.20
C LYS A 574 28.54 -16.30 7.57
N ILE A 575 29.14 -17.48 7.74
CA ILE A 575 30.42 -17.77 7.10
C ILE A 575 30.22 -17.86 5.60
N PHE A 576 30.97 -17.06 4.85
CA PHE A 576 30.88 -17.08 3.41
C PHE A 576 31.72 -18.21 2.83
N ASN A 577 31.22 -18.80 1.74
CA ASN A 577 31.86 -19.96 1.15
C ASN A 577 33.22 -19.57 0.54
N LYS A 578 34.03 -20.60 0.27
CA LYS A 578 35.36 -20.37 -0.27
C LYS A 578 35.33 -19.95 -1.74
N HIS A 579 34.20 -20.18 -2.43
CA HIS A 579 34.04 -19.79 -3.83
C HIS A 579 33.35 -18.44 -3.96
N THR A 580 33.47 -17.58 -2.96
CA THR A 580 32.85 -16.26 -2.95
C THR A 580 33.90 -15.18 -3.16
N SER A 581 33.45 -13.93 -3.12
CA SER A 581 34.30 -12.77 -3.33
C SER A 581 33.97 -11.71 -2.30
N LEU A 582 34.76 -10.63 -2.31
CA LEU A 582 34.46 -9.48 -1.46
C LEU A 582 33.23 -8.72 -1.95
N ARG A 583 32.89 -8.85 -3.23
CA ARG A 583 31.73 -8.13 -3.77
C ARG A 583 30.44 -8.59 -3.10
N LEU A 584 30.30 -9.90 -2.87
CA LEU A 584 29.08 -10.41 -2.24
C LEU A 584 28.95 -9.87 -0.81
N LEU A 585 30.04 -9.90 -0.05
CA LEU A 585 30.01 -9.38 1.31
C LEU A 585 29.71 -7.88 1.31
N ARG A 586 30.28 -7.13 0.37
CA ARG A 586 30.06 -5.70 0.34
C ARG A 586 28.63 -5.37 -0.05
N GLN A 587 28.04 -6.11 -0.99
CA GLN A 587 26.66 -5.82 -1.37
C GLN A 587 25.65 -6.35 -0.35
N GLU A 588 26.05 -7.29 0.50
CA GLU A 588 25.20 -7.60 1.66
C GLU A 588 25.31 -6.51 2.72
N LEU A 589 26.52 -6.02 2.98
CA LEU A 589 26.72 -4.92 3.91
C LEU A 589 26.07 -3.64 3.43
N VAL A 590 25.81 -3.52 2.13
CA VAL A 590 25.09 -2.35 1.61
C VAL A 590 23.75 -2.21 2.31
N VAL A 591 23.03 -3.30 2.49
CA VAL A 591 21.75 -3.27 3.19
C VAL A 591 21.93 -3.42 4.69
N LEU A 592 22.84 -4.30 5.13
CA LEU A 592 23.03 -4.50 6.56
C LEU A 592 23.59 -3.28 7.27
N CYS A 593 24.15 -2.33 6.53
CA CYS A 593 24.56 -1.04 7.04
C CYS A 593 23.69 0.05 6.42
N HIS A 594 23.66 1.21 7.08
CA HIS A 594 22.92 2.40 6.67
C HIS A 594 21.41 2.21 6.73
N LEU A 595 20.92 1.02 7.06
CA LEU A 595 19.50 0.73 7.12
C LEU A 595 19.19 0.07 8.45
N HIS A 596 18.37 0.71 9.26
CA HIS A 596 18.02 0.21 10.59
C HIS A 596 16.51 0.33 10.78
N HIS A 597 15.83 -0.81 10.82
CA HIS A 597 14.39 -0.88 10.96
C HIS A 597 14.04 -1.94 11.98
N PRO A 598 12.94 -1.78 12.72
CA PRO A 598 12.53 -2.83 13.66
C PRO A 598 12.13 -4.13 12.99
N SER A 599 11.86 -4.12 11.68
CA SER A 599 11.49 -5.32 10.95
C SER A 599 12.64 -5.89 10.12
N LEU A 600 13.83 -5.32 10.24
CA LEU A 600 15.01 -5.78 9.51
C LEU A 600 16.03 -6.33 10.49
N ILE A 601 16.72 -7.40 10.10
CA ILE A 601 17.70 -8.01 10.99
C ILE A 601 18.83 -7.02 11.27
N SER A 602 19.38 -7.11 12.47
CA SER A 602 20.38 -6.17 12.95
C SER A 602 21.77 -6.78 12.87
N LEU A 603 22.70 -6.06 12.26
CA LEU A 603 24.08 -6.49 12.14
C LEU A 603 24.90 -5.98 13.31
N LEU A 604 25.81 -6.84 13.80
CA LEU A 604 26.75 -6.45 14.85
C LEU A 604 28.11 -7.03 14.46
N ALA A 605 28.98 -6.18 13.92
CA ALA A 605 30.35 -6.52 13.55
C ALA A 605 30.43 -7.32 12.26
N ALA A 606 31.46 -7.05 11.45
CA ALA A 606 31.71 -7.76 10.21
C ALA A 606 33.21 -7.82 9.99
N GLY A 607 33.69 -8.94 9.44
CA GLY A 607 35.10 -9.14 9.22
C GLY A 607 35.39 -9.48 7.76
N ILE A 608 36.67 -9.42 7.41
CA ILE A 608 37.10 -9.73 6.05
C ILE A 608 38.01 -10.96 6.04
N ARG A 609 38.73 -11.18 7.14
CA ARG A 609 39.62 -12.34 7.17
C ARG A 609 38.87 -13.65 7.05
N PRO A 610 37.80 -13.92 7.84
CA PRO A 610 36.96 -15.08 7.52
C PRO A 610 35.71 -14.70 6.74
N ARG A 611 35.46 -13.39 6.56
CA ARG A 611 34.26 -12.88 5.90
C ARG A 611 33.00 -13.40 6.61
N MET A 612 32.83 -12.91 7.85
CA MET A 612 32.01 -13.58 8.84
C MET A 612 30.59 -13.03 8.96
N LEU A 613 30.41 -11.71 9.03
CA LEU A 613 29.07 -11.10 9.04
C LEU A 613 28.22 -11.59 10.21
N VAL A 614 28.66 -11.22 11.42
CA VAL A 614 27.93 -11.57 12.63
C VAL A 614 26.63 -10.76 12.69
N MET A 615 25.52 -11.45 12.97
CA MET A 615 24.22 -10.83 13.08
C MET A 615 23.60 -11.17 14.44
N GLU A 616 22.36 -10.76 14.65
CA GLU A 616 21.64 -11.07 15.88
C GLU A 616 20.83 -12.34 15.71
N LEU A 617 20.56 -13.00 16.83
CA LEU A 617 19.94 -14.32 16.84
C LEU A 617 18.45 -14.19 17.11
N ALA A 618 17.64 -14.75 16.21
CA ALA A 618 16.20 -14.82 16.43
C ALA A 618 15.91 -15.83 17.52
N SER A 619 15.08 -15.45 18.49
CA SER A 619 14.88 -16.28 19.67
C SER A 619 14.02 -17.50 19.37
N LYS A 620 13.12 -17.42 18.39
CA LYS A 620 12.17 -18.49 18.13
C LYS A 620 12.37 -19.13 16.76
N GLY A 621 13.45 -18.84 16.07
CA GLY A 621 13.71 -19.47 14.79
C GLY A 621 13.09 -18.76 13.62
N SER A 622 12.83 -19.49 12.54
CA SER A 622 12.22 -18.93 11.34
C SER A 622 10.74 -19.29 11.27
N LEU A 623 10.02 -18.57 10.42
CA LEU A 623 8.59 -18.81 10.24
C LEU A 623 8.33 -20.11 9.51
N ASP A 624 9.27 -20.58 8.70
CA ASP A 624 9.09 -21.85 7.99
C ASP A 624 8.95 -23.01 8.98
N ARG A 625 9.81 -23.04 9.99
CA ARG A 625 9.73 -24.10 11.00
C ARG A 625 8.44 -24.00 11.80
N LEU A 626 8.01 -22.78 12.13
CA LEU A 626 6.75 -22.62 12.85
C LEU A 626 5.57 -23.10 12.03
N LEU A 627 5.55 -22.79 10.73
CA LEU A 627 4.49 -23.27 9.86
C LEU A 627 4.50 -24.79 9.76
N GLN A 628 5.68 -25.39 9.61
CA GLN A 628 5.75 -26.82 9.36
C GLN A 628 5.71 -27.65 10.64
N GLN A 629 6.11 -27.08 11.77
CA GLN A 629 6.18 -27.84 13.03
C GLN A 629 5.22 -27.33 14.08
N ASP A 630 5.29 -26.05 14.44
CA ASP A 630 4.48 -25.50 15.54
C ASP A 630 3.20 -24.90 14.95
N LYS A 631 2.28 -25.79 14.60
CA LYS A 631 1.03 -25.39 13.97
C LYS A 631 -0.02 -24.88 14.96
N ALA A 632 0.19 -25.08 16.25
CA ALA A 632 -0.82 -24.73 17.25
C ALA A 632 -0.62 -23.34 17.85
N SER A 633 0.57 -22.78 17.77
CA SER A 633 0.86 -21.48 18.36
C SER A 633 0.54 -20.32 17.42
N LEU A 634 0.01 -20.59 16.23
CA LEU A 634 -0.25 -19.55 15.25
C LEU A 634 -1.68 -19.05 15.41
N THR A 635 -1.87 -18.20 16.42
CA THR A 635 -3.15 -17.53 16.59
C THR A 635 -3.31 -16.45 15.52
N ARG A 636 -4.56 -15.98 15.37
CA ARG A 636 -4.84 -14.97 14.37
C ARG A 636 -4.07 -13.68 14.64
N THR A 637 -3.94 -13.31 15.92
CA THR A 637 -3.15 -12.14 16.26
C THR A 637 -1.70 -12.30 15.85
N LEU A 638 -1.12 -13.47 16.09
CA LEU A 638 0.26 -13.71 15.70
C LEU A 638 0.43 -13.68 14.18
N GLN A 639 -0.52 -14.28 13.45
CA GLN A 639 -0.46 -14.25 11.99
C GLN A 639 -0.52 -12.81 11.48
N HIS A 640 -1.45 -12.01 12.01
CA HIS A 640 -1.57 -10.63 11.59
C HIS A 640 -0.31 -9.83 11.92
N ARG A 641 0.27 -10.08 13.09
CA ARG A 641 1.47 -9.35 13.48
C ARG A 641 2.67 -9.72 12.60
N ILE A 642 2.81 -11.01 12.27
CA ILE A 642 3.88 -11.42 11.37
C ILE A 642 3.72 -10.75 10.02
N ALA A 643 2.50 -10.77 9.48
CA ALA A 643 2.25 -10.12 8.20
C ALA A 643 2.54 -8.62 8.26
N LEU A 644 2.11 -7.97 9.34
CA LEU A 644 2.33 -6.54 9.51
C LEU A 644 3.82 -6.20 9.54
N HIS A 645 4.59 -6.98 10.29
CA HIS A 645 6.02 -6.69 10.43
C HIS A 645 6.76 -6.96 9.13
N VAL A 646 6.41 -8.03 8.41
CA VAL A 646 7.03 -8.26 7.12
C VAL A 646 6.70 -7.13 6.15
N ALA A 647 5.44 -6.68 6.15
CA ALA A 647 5.06 -5.57 5.28
C ALA A 647 5.81 -4.29 5.64
N ASP A 648 5.98 -4.03 6.93
CA ASP A 648 6.74 -2.85 7.35
C ASP A 648 8.19 -2.92 6.88
N GLY A 649 8.83 -4.09 7.02
CA GLY A 649 10.19 -4.25 6.54
C GLY A 649 10.30 -4.06 5.03
N LEU A 650 9.35 -4.64 4.29
CA LEU A 650 9.34 -4.45 2.84
C LEU A 650 9.16 -2.99 2.47
N ARG A 651 8.26 -2.29 3.17
CA ARG A 651 8.04 -0.87 2.91
C ARG A 651 9.31 -0.06 3.13
N TYR A 652 10.00 -0.31 4.24
CA TYR A 652 11.23 0.42 4.51
C TYR A 652 12.30 0.10 3.47
N LEU A 653 12.45 -1.17 3.10
CA LEU A 653 13.44 -1.55 2.10
C LEU A 653 13.16 -0.86 0.76
N HIS A 654 11.89 -0.84 0.36
CA HIS A 654 11.53 -0.17 -0.89
C HIS A 654 11.78 1.33 -0.81
N SER A 655 11.46 1.94 0.33
CA SER A 655 11.72 3.37 0.50
C SER A 655 13.22 3.68 0.44
N ALA A 656 14.06 2.74 0.86
CA ALA A 656 15.51 2.93 0.85
C ALA A 656 16.14 2.59 -0.49
N MET A 657 15.36 2.54 -1.56
CA MET A 657 15.86 2.26 -2.91
C MET A 657 16.54 0.90 -3.00
N ILE A 658 15.95 -0.10 -2.34
CA ILE A 658 16.49 -1.45 -2.29
C ILE A 658 15.38 -2.43 -2.62
N ILE A 659 15.69 -3.42 -3.45
CA ILE A 659 14.77 -4.51 -3.77
C ILE A 659 15.29 -5.78 -3.12
N TYR A 660 14.37 -6.53 -2.50
CA TYR A 660 14.73 -7.68 -1.68
C TYR A 660 14.92 -8.95 -2.51
N ARG A 661 13.90 -9.31 -3.28
CA ARG A 661 13.86 -10.36 -4.30
C ARG A 661 13.81 -11.78 -3.73
N ASP A 662 13.95 -11.99 -2.43
CA ASP A 662 13.89 -13.33 -1.85
C ASP A 662 13.06 -13.30 -0.57
N LEU A 663 11.74 -13.45 -0.73
CA LEU A 663 10.81 -13.39 0.40
C LEU A 663 10.11 -14.75 0.52
N LYS A 664 10.56 -15.56 1.46
CA LYS A 664 9.98 -16.85 1.77
C LYS A 664 9.88 -16.98 3.28
N PRO A 665 9.08 -17.91 3.78
CA PRO A 665 9.04 -18.14 5.24
C PRO A 665 10.39 -18.51 5.84
N HIS A 666 11.33 -19.00 5.03
CA HIS A 666 12.66 -19.32 5.53
C HIS A 666 13.43 -18.06 5.88
N ASN A 667 13.16 -16.95 5.18
CA ASN A 667 13.85 -15.70 5.43
C ASN A 667 13.14 -14.81 6.44
N VAL A 668 12.04 -15.27 7.02
CA VAL A 668 11.32 -14.55 8.06
C VAL A 668 11.63 -15.19 9.39
N LEU A 669 12.16 -14.40 10.32
CA LEU A 669 12.65 -14.90 11.60
C LEU A 669 11.78 -14.37 12.73
N LEU A 670 11.45 -15.25 13.67
CA LEU A 670 10.56 -14.91 14.78
C LEU A 670 11.38 -14.71 16.05
N PHE A 671 11.20 -13.56 16.69
CA PHE A 671 11.91 -13.24 17.92
C PHE A 671 11.07 -13.51 19.17
N THR A 672 9.77 -13.70 19.02
CA THR A 672 8.90 -14.07 20.13
C THR A 672 7.58 -14.55 19.55
N LEU A 673 6.89 -15.39 20.32
CA LEU A 673 5.56 -15.86 19.94
C LEU A 673 4.46 -15.18 20.76
N TYR A 674 4.80 -14.14 21.51
CA TYR A 674 3.83 -13.43 22.34
C TYR A 674 3.20 -12.32 21.51
N PRO A 675 1.89 -12.38 21.26
CA PRO A 675 1.28 -11.47 20.26
C PRO A 675 1.43 -9.99 20.58
N ASN A 676 1.42 -9.61 21.85
CA ASN A 676 1.47 -8.20 22.22
C ASN A 676 2.89 -7.71 22.42
N ALA A 677 3.75 -7.96 21.42
CA ALA A 677 5.13 -7.54 21.46
C ALA A 677 5.43 -6.62 20.28
N ALA A 678 6.34 -5.67 20.50
CA ALA A 678 6.68 -4.73 19.44
C ALA A 678 7.43 -5.41 18.30
N ILE A 679 8.37 -6.30 18.63
CA ILE A 679 9.17 -7.00 17.64
C ILE A 679 8.77 -8.46 17.68
N ILE A 680 8.31 -8.98 16.54
CA ILE A 680 7.92 -10.38 16.44
C ILE A 680 8.64 -11.02 15.25
N ALA A 681 8.53 -10.40 14.09
CA ALA A 681 9.06 -10.96 12.85
C ALA A 681 10.05 -9.99 12.21
N LYS A 682 11.10 -10.55 11.61
CA LYS A 682 12.14 -9.77 10.97
C LYS A 682 12.53 -10.41 9.65
N ILE A 683 13.21 -9.64 8.82
CA ILE A 683 13.63 -10.05 7.48
C ILE A 683 15.15 -10.15 7.45
N ALA A 684 15.66 -11.24 6.85
CA ALA A 684 17.10 -11.44 6.76
C ALA A 684 17.52 -11.87 5.36
N ASP A 685 18.77 -12.31 5.21
CA ASP A 685 19.29 -12.89 3.96
C ASP A 685 19.19 -11.88 2.80
N TYR A 686 19.99 -10.82 2.93
CA TYR A 686 20.07 -9.79 1.90
C TYR A 686 21.11 -10.10 0.83
N SER A 687 21.37 -11.39 0.57
CA SER A 687 22.42 -11.78 -0.35
C SER A 687 22.17 -11.25 -1.76
N ILE A 688 20.93 -11.32 -2.24
CA ILE A 688 20.60 -10.88 -3.59
C ILE A 688 19.88 -9.54 -3.58
N ALA A 689 19.98 -8.78 -2.50
CA ALA A 689 19.44 -7.44 -2.46
C ALA A 689 20.33 -6.49 -3.25
N GLN A 690 19.72 -5.70 -4.13
CA GLN A 690 20.46 -4.85 -5.05
C GLN A 690 19.79 -3.48 -5.12
N TYR A 691 20.58 -2.46 -5.42
CA TYR A 691 20.04 -1.11 -5.63
C TYR A 691 19.07 -1.11 -6.79
N CYS A 692 17.92 -0.46 -6.60
CA CYS A 692 16.88 -0.35 -7.63
C CYS A 692 16.49 1.12 -7.73
N CYS A 693 17.19 1.87 -8.58
CA CYS A 693 16.88 3.28 -8.83
C CYS A 693 15.80 3.37 -9.90
N ARG A 694 15.60 4.57 -10.45
CA ARG A 694 14.61 4.74 -11.50
C ARG A 694 15.19 4.31 -12.84
N MET A 695 15.78 3.11 -12.89
CA MET A 695 16.27 2.52 -14.12
C MET A 695 15.89 1.05 -14.24
N GLY A 696 15.27 0.45 -13.24
CA GLY A 696 14.92 -0.95 -13.28
C GLY A 696 16.07 -1.85 -12.90
N ILE A 697 15.79 -3.14 -12.91
CA ILE A 697 16.79 -4.17 -12.64
C ILE A 697 16.60 -5.28 -13.67
N LYS A 698 17.71 -5.85 -14.14
CA LYS A 698 17.65 -6.81 -15.23
C LYS A 698 17.90 -8.25 -14.79
N THR A 699 18.86 -8.48 -13.90
CA THR A 699 19.17 -9.84 -13.48
C THR A 699 17.99 -10.46 -12.75
N SER A 700 17.75 -11.74 -13.01
CA SER A 700 16.62 -12.46 -12.43
C SER A 700 17.14 -13.35 -11.31
N GLU A 701 16.78 -13.01 -10.07
CA GLU A 701 17.14 -13.79 -8.90
C GLU A 701 15.91 -14.01 -8.04
N GLY A 702 15.89 -15.12 -7.33
CA GLY A 702 14.79 -15.48 -6.46
C GLY A 702 14.56 -16.97 -6.44
N THR A 703 14.11 -17.46 -5.30
CA THR A 703 13.84 -18.89 -5.16
C THR A 703 12.57 -19.26 -5.92
N PRO A 704 12.59 -20.32 -6.72
CA PRO A 704 11.38 -20.73 -7.44
C PRO A 704 10.25 -21.06 -6.48
N GLY A 705 9.04 -20.67 -6.86
CA GLY A 705 7.87 -20.82 -6.01
C GLY A 705 7.61 -19.67 -5.07
N PHE A 706 8.48 -18.67 -5.04
CA PHE A 706 8.31 -17.51 -4.17
C PHE A 706 8.66 -16.21 -4.89
N ARG A 707 8.48 -16.16 -6.21
CA ARG A 707 8.88 -15.00 -6.99
C ARG A 707 7.74 -14.56 -7.91
N ALA A 708 7.79 -13.29 -8.29
CA ALA A 708 6.78 -12.71 -9.15
C ALA A 708 6.88 -13.30 -10.55
N PRO A 709 5.76 -13.32 -11.31
CA PRO A 709 5.81 -13.93 -12.65
C PRO A 709 6.81 -13.29 -13.59
N GLU A 710 7.00 -11.97 -13.52
CA GLU A 710 7.88 -11.30 -14.46
C GLU A 710 9.33 -11.74 -14.27
N VAL A 711 9.78 -11.88 -13.02
CA VAL A 711 11.16 -12.28 -12.76
C VAL A 711 11.43 -13.65 -13.35
N ALA A 712 10.50 -14.58 -13.16
CA ALA A 712 10.65 -15.93 -13.71
C ALA A 712 10.72 -15.91 -15.24
N ARG A 713 10.26 -14.84 -15.88
CA ARG A 713 10.43 -14.73 -17.33
C ARG A 713 11.91 -14.67 -17.69
N GLY A 714 12.70 -13.92 -16.92
CA GLY A 714 14.13 -13.86 -17.13
C GLY A 714 14.59 -12.93 -18.23
N ASN A 715 13.67 -12.28 -18.94
CA ASN A 715 14.04 -11.36 -20.02
C ASN A 715 13.38 -10.00 -19.85
N VAL A 716 12.94 -9.66 -18.64
CA VAL A 716 12.22 -8.43 -18.38
C VAL A 716 13.02 -7.60 -17.38
N ILE A 717 12.91 -6.28 -17.52
CA ILE A 717 13.54 -5.33 -16.60
C ILE A 717 12.45 -4.94 -15.62
N TYR A 718 12.52 -5.46 -14.40
CA TYR A 718 11.47 -5.30 -13.42
C TYR A 718 11.88 -4.28 -12.35
N ASN A 719 11.02 -4.12 -11.35
CA ASN A 719 11.20 -3.09 -10.33
C ASN A 719 10.83 -3.69 -8.98
N GLN A 720 10.65 -2.82 -7.99
CA GLN A 720 10.37 -3.24 -6.61
C GLN A 720 9.00 -3.86 -6.45
N GLN A 721 8.12 -3.76 -7.46
CA GLN A 721 6.81 -4.38 -7.37
C GLN A 721 6.86 -5.91 -7.43
N ALA A 722 8.01 -6.48 -7.77
CA ALA A 722 8.16 -7.93 -7.76
C ALA A 722 8.09 -8.51 -6.35
N ASP A 723 8.37 -7.70 -5.32
CA ASP A 723 8.29 -8.16 -3.95
C ASP A 723 6.86 -8.24 -3.44
N VAL A 724 5.92 -7.54 -4.08
CA VAL A 724 4.53 -7.58 -3.64
C VAL A 724 3.92 -8.95 -3.91
N TYR A 725 4.28 -9.58 -5.04
CA TYR A 725 3.81 -10.94 -5.29
C TYR A 725 4.40 -11.91 -4.27
N SER A 726 5.67 -11.73 -3.91
CA SER A 726 6.27 -12.56 -2.88
C SER A 726 5.56 -12.39 -1.54
N PHE A 727 5.20 -11.15 -1.20
CA PHE A 727 4.45 -10.92 0.04
C PHE A 727 3.07 -11.54 -0.02
N GLY A 728 2.42 -11.48 -1.18
CA GLY A 728 1.14 -12.15 -1.33
C GLY A 728 1.24 -13.66 -1.14
N LEU A 729 2.30 -14.26 -1.69
CA LEU A 729 2.54 -15.68 -1.48
C LEU A 729 2.79 -15.98 -0.01
N LEU A 730 3.56 -15.12 0.67
CA LEU A 730 3.82 -15.32 2.09
C LEU A 730 2.55 -15.22 2.91
N LEU A 731 1.68 -14.26 2.57
CA LEU A 731 0.40 -14.14 3.26
C LEU A 731 -0.48 -15.35 3.02
N TYR A 732 -0.46 -15.87 1.78
CA TYR A 732 -1.17 -17.11 1.49
C TYR A 732 -0.66 -18.26 2.34
N ASP A 733 0.67 -18.36 2.47
CA ASP A 733 1.26 -19.42 3.29
C ASP A 733 0.88 -19.27 4.75
N ILE A 734 0.91 -18.05 5.27
CA ILE A 734 0.55 -17.83 6.68
C ILE A 734 -0.92 -18.17 6.91
N LEU A 735 -1.80 -17.75 6.00
CA LEU A 735 -3.22 -18.06 6.14
C LEU A 735 -3.46 -19.56 6.08
N THR A 736 -2.79 -20.26 5.17
CA THR A 736 -2.94 -21.70 5.04
C THR A 736 -1.98 -22.49 5.91
N THR A 737 -1.18 -21.82 6.73
CA THR A 737 -0.17 -22.46 7.59
C THR A 737 0.81 -23.27 6.76
N GLY A 738 0.74 -24.59 6.84
CA GLY A 738 1.60 -25.40 6.00
C GLY A 738 1.27 -25.20 4.53
N GLY A 739 0.09 -25.65 4.13
CA GLY A 739 -0.43 -25.30 2.81
C GLY A 739 0.41 -25.83 1.68
N ARG A 740 0.63 -24.97 0.69
CA ARG A 740 1.30 -25.35 -0.55
C ARG A 740 2.77 -25.71 -0.35
N ILE A 741 3.39 -25.23 0.73
CA ILE A 741 4.80 -25.53 0.95
C ILE A 741 5.00 -27.01 1.24
N VAL A 742 4.15 -27.57 2.10
CA VAL A 742 4.25 -28.99 2.44
C VAL A 742 3.27 -29.80 1.60
N PHE A 751 4.57 -26.47 -8.07
CA PHE A 751 4.96 -25.43 -7.12
C PHE A 751 5.28 -24.13 -7.85
N ASP A 752 6.38 -24.11 -8.59
CA ASP A 752 6.77 -22.91 -9.33
C ASP A 752 5.86 -22.69 -10.55
N GLU A 753 5.39 -23.76 -11.18
CA GLU A 753 4.68 -23.62 -12.45
C GLU A 753 3.37 -22.85 -12.28
N LEU A 754 2.58 -23.21 -11.27
CA LEU A 754 1.24 -22.65 -11.12
C LEU A 754 1.22 -21.34 -10.35
N GLU A 755 2.37 -20.87 -9.86
CA GLU A 755 2.46 -19.58 -9.20
C GLU A 755 2.95 -18.47 -10.14
N ILE A 756 3.19 -18.78 -11.41
CA ILE A 756 3.62 -17.79 -12.37
C ILE A 756 2.47 -17.43 -13.31
N GLY A 758 -0.45 -16.75 -12.28
CA GLY A 758 -0.85 -17.31 -11.00
C GLY A 758 -2.14 -18.10 -11.08
N LYS A 759 -2.06 -19.39 -10.78
CA LYS A 759 -3.20 -20.30 -10.81
C LYS A 759 -3.41 -20.97 -9.46
N LEU A 760 -3.24 -20.20 -8.39
CA LEU A 760 -3.43 -20.75 -7.05
C LEU A 760 -4.91 -20.86 -6.73
N PRO A 761 -5.31 -21.90 -5.99
CA PRO A 761 -6.71 -22.05 -5.60
C PRO A 761 -7.07 -21.10 -4.45
N ASP A 762 -8.31 -21.21 -4.00
CA ASP A 762 -8.72 -20.41 -2.86
C ASP A 762 -8.16 -21.02 -1.57
N PRO A 763 -7.63 -20.19 -0.67
CA PRO A 763 -7.00 -20.73 0.55
C PRO A 763 -7.95 -21.52 1.44
N VAL A 764 -9.23 -21.15 1.51
CA VAL A 764 -10.12 -21.72 2.51
C VAL A 764 -10.55 -23.13 2.11
N LYS A 765 -11.08 -23.29 0.90
CA LYS A 765 -11.66 -24.58 0.52
C LYS A 765 -10.58 -25.66 0.38
N GLU A 766 -9.42 -25.29 -0.15
CA GLU A 766 -8.40 -26.30 -0.44
C GLU A 766 -7.77 -26.86 0.83
N TYR A 767 -7.41 -25.98 1.77
CA TYR A 767 -6.70 -26.40 2.97
C TYR A 767 -7.56 -26.36 4.23
N GLY A 768 -8.84 -26.00 4.11
CA GLY A 768 -9.73 -26.02 5.25
C GLY A 768 -9.39 -25.05 6.36
N CYS A 769 -8.86 -23.88 6.01
CA CYS A 769 -8.55 -22.87 7.01
C CYS A 769 -9.76 -21.97 7.25
N ALA A 770 -9.84 -21.44 8.47
CA ALA A 770 -10.96 -20.59 8.83
C ALA A 770 -10.96 -19.33 7.96
N PRO A 771 -12.13 -18.86 7.52
CA PRO A 771 -12.17 -17.69 6.63
C PRO A 771 -11.58 -16.46 7.29
N TRP A 772 -10.86 -15.67 6.49
CA TRP A 772 -10.24 -14.43 6.95
C TRP A 772 -10.51 -13.36 5.91
N PRO A 773 -11.71 -12.77 5.92
CA PRO A 773 -12.01 -11.69 4.98
C PRO A 773 -11.10 -10.48 5.19
N MET A 774 -10.85 -9.77 4.09
CA MET A 774 -9.94 -8.64 3.98
C MET A 774 -8.48 -9.09 4.00
N VAL A 775 -8.25 -10.38 4.27
CA VAL A 775 -6.96 -10.99 4.07
C VAL A 775 -6.91 -11.76 2.76
N GLU A 776 -7.98 -12.50 2.46
CA GLU A 776 -8.11 -13.14 1.16
C GLU A 776 -8.18 -12.10 0.05
N LYS A 777 -8.89 -11.00 0.29
CA LYS A 777 -8.94 -9.92 -0.70
C LYS A 777 -7.56 -9.32 -0.92
N LEU A 778 -6.79 -9.10 0.15
CA LEU A 778 -5.44 -8.58 0.01
C LEU A 778 -4.54 -9.55 -0.73
N ILE A 779 -4.68 -10.84 -0.45
CA ILE A 779 -3.93 -11.86 -1.18
C ILE A 779 -4.27 -11.79 -2.66
N LYS A 780 -5.56 -11.67 -2.98
CA LYS A 780 -5.98 -11.62 -4.38
C LYS A 780 -5.41 -10.40 -5.10
N GLN A 781 -5.43 -9.24 -4.46
CA GLN A 781 -4.92 -8.06 -5.15
C GLN A 781 -3.40 -7.96 -5.10
N CYS A 782 -2.74 -8.75 -4.24
CA CYS A 782 -1.28 -8.85 -4.29
C CYS A 782 -0.83 -9.83 -5.35
N LEU A 783 -1.59 -10.90 -5.58
CA LEU A 783 -1.26 -11.91 -6.57
C LEU A 783 -1.84 -11.54 -7.94
N LYS A 784 -1.36 -10.42 -8.46
CA LYS A 784 -1.78 -9.90 -9.76
C LYS A 784 -0.66 -10.08 -10.78
N GLU A 785 -1.03 -10.52 -11.97
CA GLU A 785 -0.04 -10.71 -13.02
C GLU A 785 0.54 -9.39 -13.52
N ASN A 786 -0.18 -8.29 -13.35
CA ASN A 786 0.31 -6.98 -13.77
C ASN A 786 0.89 -6.25 -12.58
N PRO A 787 2.20 -5.95 -12.58
CA PRO A 787 2.80 -5.27 -11.43
C PRO A 787 2.17 -3.92 -11.11
N GLN A 788 1.69 -3.20 -12.13
CA GLN A 788 1.07 -1.90 -11.88
C GLN A 788 -0.24 -2.03 -11.12
N GLU A 789 -0.95 -3.13 -11.30
CA GLU A 789 -2.20 -3.35 -10.57
C GLU A 789 -1.97 -3.75 -9.13
N ARG A 790 -0.79 -4.26 -8.79
CA ARG A 790 -0.51 -4.63 -7.42
C ARG A 790 -0.31 -3.39 -6.57
N PRO A 791 -0.72 -3.41 -5.30
CA PRO A 791 -0.42 -2.29 -4.41
C PRO A 791 1.06 -2.26 -4.06
N THR A 792 1.53 -1.07 -3.68
CA THR A 792 2.89 -0.93 -3.22
C THR A 792 3.04 -1.55 -1.83
N SER A 793 4.28 -1.60 -1.35
CA SER A 793 4.51 -2.15 0.00
C SER A 793 3.92 -1.24 1.06
N ALA A 794 3.98 0.08 0.86
CA ALA A 794 3.34 1.00 1.79
C ALA A 794 1.83 0.81 1.78
N GLN A 795 1.23 0.61 0.61
CA GLN A 795 -0.20 0.38 0.54
C GLN A 795 -0.57 -0.95 1.19
N VAL A 796 0.26 -1.97 1.04
CA VAL A 796 0.01 -3.25 1.69
C VAL A 796 0.05 -3.10 3.21
N PHE A 797 1.04 -2.36 3.71
CA PHE A 797 1.11 -2.10 5.15
C PHE A 797 -0.11 -1.32 5.62
N ASP A 798 -0.57 -0.35 4.82
CA ASP A 798 -1.76 0.42 5.19
C ASP A 798 -3.00 -0.47 5.23
N ILE A 799 -3.13 -1.38 4.27
CA ILE A 799 -4.27 -2.30 4.25
C ILE A 799 -4.24 -3.22 5.46
N LEU A 800 -3.05 -3.76 5.79
CA LEU A 800 -2.94 -4.66 6.93
C LEU A 800 -3.14 -3.92 8.24
N ASN A 801 -2.77 -2.65 8.31
CA ASN A 801 -2.86 -1.85 9.53
C ASN A 801 -4.30 -1.39 9.72
N SER A 802 -5.14 -2.31 10.19
CA SER A 802 -6.54 -2.03 10.48
C SER A 802 -7.09 -3.16 11.33
N ALA A 803 -7.87 -2.81 12.35
CA ALA A 803 -8.47 -3.82 13.21
C ALA A 803 -9.75 -4.39 12.62
N GLU A 804 -10.35 -3.73 11.62
CA GLU A 804 -11.45 -4.32 10.89
C GLU A 804 -11.01 -5.57 10.14
N LEU A 805 -9.78 -5.55 9.62
CA LEU A 805 -9.22 -6.74 8.99
C LEU A 805 -9.08 -7.88 9.98
N VAL A 806 -8.59 -7.59 11.18
CA VAL A 806 -8.34 -8.63 12.17
C VAL A 806 -9.65 -9.19 12.71
N CYS A 807 -10.60 -8.32 13.03
CA CYS A 807 -11.76 -8.71 13.82
C CYS A 807 -12.96 -9.15 13.00
N LEU A 808 -12.91 -9.01 11.67
CA LEU A 808 -14.01 -9.51 10.83
C LEU A 808 -13.85 -11.01 10.67
N THR A 809 -14.74 -11.77 11.31
CA THR A 809 -14.61 -13.22 11.33
C THR A 809 -15.26 -13.86 10.10
N ARG A 810 -16.47 -13.42 9.76
CA ARG A 810 -17.20 -13.99 8.65
C ARG A 810 -17.90 -12.88 7.88
N ARG A 811 -18.32 -13.22 6.65
CA ARG A 811 -19.11 -12.31 5.83
C ARG A 811 -19.92 -13.18 4.89
N ILE A 812 -21.21 -13.37 5.21
CA ILE A 812 -22.08 -14.28 4.47
C ILE A 812 -23.03 -13.45 3.62
N LEU A 813 -23.01 -13.69 2.33
CA LEU A 813 -23.89 -12.99 1.40
C LEU A 813 -25.12 -13.85 1.12
N LEU A 814 -26.29 -13.31 1.42
CA LEU A 814 -27.55 -13.99 1.19
C LEU A 814 -27.99 -13.82 -0.26
N PRO A 815 -28.90 -14.66 -0.74
CA PRO A 815 -29.35 -14.53 -2.13
C PRO A 815 -29.98 -13.17 -2.39
N LYS A 816 -29.82 -12.69 -3.62
CA LYS A 816 -30.26 -11.35 -3.99
C LYS A 816 -31.77 -11.23 -3.88
N ASN A 817 -32.22 -9.99 -3.70
CA ASN A 817 -33.65 -9.66 -3.59
C ASN A 817 -34.31 -10.38 -2.42
N VAL A 818 -33.57 -10.52 -1.32
CA VAL A 818 -34.08 -11.10 -0.08
C VAL A 818 -33.96 -10.06 1.01
N ILE A 819 -35.07 -9.76 1.68
CA ILE A 819 -35.14 -8.73 2.71
C ILE A 819 -35.38 -9.41 4.05
N VAL A 820 -34.54 -9.07 5.04
CA VAL A 820 -34.59 -9.67 6.37
C VAL A 820 -35.12 -8.64 7.36
N GLU A 821 -36.05 -9.07 8.20
CA GLU A 821 -36.60 -8.22 9.25
C GLU A 821 -36.11 -8.56 10.65
N CYS A 822 -35.75 -9.82 10.90
CA CYS A 822 -35.29 -10.24 12.21
C CYS A 822 -34.46 -11.51 12.06
N MET A 823 -33.71 -11.83 13.11
CA MET A 823 -32.92 -13.05 13.14
C MET A 823 -32.61 -13.41 14.58
N VAL A 824 -32.47 -14.71 14.83
CA VAL A 824 -32.05 -15.23 16.13
C VAL A 824 -30.99 -16.30 15.91
N ALA A 825 -30.21 -16.56 16.95
CA ALA A 825 -29.16 -17.56 16.89
C ALA A 825 -29.72 -18.96 17.19
N SER A 834 -25.80 -22.16 13.52
CA SER A 834 -27.20 -22.14 13.12
C SER A 834 -27.88 -20.86 13.56
N ILE A 835 -28.26 -20.03 12.59
CA ILE A 835 -28.93 -18.76 12.85
C ILE A 835 -30.24 -18.76 12.07
N TRP A 836 -31.35 -18.61 12.80
CA TRP A 836 -32.67 -18.56 12.16
C TRP A 836 -32.93 -17.16 11.65
N LEU A 837 -33.48 -17.07 10.44
CA LEU A 837 -33.61 -15.81 9.73
C LEU A 837 -35.09 -15.41 9.64
N GLY A 838 -35.32 -14.19 9.15
CA GLY A 838 -36.67 -13.70 8.96
C GLY A 838 -36.93 -13.22 7.54
N CYS A 839 -38.07 -12.55 7.35
CA CYS A 839 -38.44 -12.05 6.04
C CYS A 839 -39.58 -11.04 6.14
N GLY A 845 -45.61 -13.57 4.24
CA GLY A 845 -45.17 -14.55 5.22
C GLY A 845 -44.15 -15.53 4.67
N GLN A 846 -42.96 -15.54 5.27
CA GLN A 846 -41.88 -16.42 4.82
C GLN A 846 -40.85 -16.53 5.93
N LEU A 847 -40.33 -17.74 6.12
CA LEU A 847 -39.33 -18.01 7.15
C LEU A 847 -38.10 -18.64 6.51
N SER A 848 -36.94 -18.36 7.09
CA SER A 848 -35.67 -18.83 6.57
C SER A 848 -34.82 -19.39 7.70
N PHE A 849 -33.65 -19.91 7.33
CA PHE A 849 -32.72 -20.49 8.29
C PHE A 849 -31.34 -20.53 7.65
N LEU A 850 -30.32 -20.28 8.45
CA LEU A 850 -28.95 -20.25 7.97
C LEU A 850 -28.04 -21.02 8.92
N ASP A 851 -27.08 -21.74 8.34
CA ASP A 851 -26.09 -22.50 9.09
C ASP A 851 -24.76 -21.73 9.01
N LEU A 852 -24.41 -21.05 10.09
CA LEU A 852 -23.20 -20.25 10.13
C LEU A 852 -21.95 -21.13 10.04
N GLU A 855 -22.26 -22.54 5.36
CA GLU A 855 -23.34 -21.72 4.82
C GLU A 855 -24.41 -22.60 4.18
N GLY A 856 -25.67 -22.29 4.46
CA GLY A 856 -26.79 -23.01 3.89
C GLY A 856 -28.10 -22.27 4.09
N TYR A 857 -28.86 -22.11 3.01
CA TYR A 857 -30.08 -21.31 3.04
C TYR A 857 -31.28 -22.21 2.75
N THR A 858 -32.23 -22.25 3.69
CA THR A 858 -33.49 -22.96 3.52
C THR A 858 -34.63 -21.98 3.79
N SER A 859 -35.51 -21.81 2.81
CA SER A 859 -36.60 -20.84 2.92
C SER A 859 -37.89 -21.48 2.44
N GLU A 860 -38.99 -21.11 3.11
CA GLU A 860 -40.32 -21.57 2.71
C GLU A 860 -41.36 -20.64 3.34
N GLU A 861 -42.51 -20.59 2.69
CA GLU A 861 -43.61 -19.75 3.18
C GLU A 861 -44.36 -20.46 4.29
N VAL A 862 -44.63 -19.73 5.37
CA VAL A 862 -45.33 -20.28 6.52
C VAL A 862 -46.57 -19.44 6.82
N ALA A 863 -46.54 -18.17 6.43
CA ALA A 863 -47.65 -17.27 6.67
C ALA A 863 -48.09 -16.60 5.37
N ARG A 866 -46.01 -10.19 6.68
CA ARG A 866 -44.69 -10.80 6.83
C ARG A 866 -44.48 -11.30 8.25
N ILE A 867 -43.22 -11.51 8.62
CA ILE A 867 -42.83 -11.93 9.96
C ILE A 867 -41.95 -10.83 10.56
N LEU A 868 -42.29 -10.40 11.77
CA LEU A 868 -41.67 -9.22 12.37
C LEU A 868 -40.64 -9.53 13.44
N CYS A 869 -40.93 -10.47 14.35
CA CYS A 869 -40.02 -10.76 15.45
C CYS A 869 -39.90 -12.26 15.63
N LEU A 870 -38.73 -12.69 16.11
CA LEU A 870 -38.41 -14.09 16.33
C LEU A 870 -37.78 -14.27 17.69
N ALA A 871 -38.05 -15.41 18.32
CA ALA A 871 -37.46 -15.75 19.60
C ALA A 871 -37.61 -17.25 19.83
N LEU A 872 -36.48 -17.96 19.92
CA LEU A 872 -36.52 -19.39 20.18
C LEU A 872 -36.45 -19.67 21.68
N ILE A 883 -38.76 -22.22 18.46
CA ILE A 883 -38.75 -21.01 17.64
C ILE A 883 -40.16 -20.43 17.54
N VAL A 884 -40.37 -19.30 18.19
CA VAL A 884 -41.66 -18.61 18.18
C VAL A 884 -41.56 -17.43 17.22
N SER A 885 -42.52 -17.34 16.31
CA SER A 885 -42.53 -16.31 15.28
C SER A 885 -43.68 -15.34 15.51
N GLY A 886 -43.57 -14.16 14.91
CA GLY A 886 -44.59 -13.15 15.02
C GLY A 886 -44.86 -12.45 13.70
N THR A 887 -46.14 -12.40 13.31
CA THR A 887 -46.54 -11.80 12.05
C THR A 887 -47.32 -10.51 12.32
N GLN A 888 -47.39 -9.67 11.30
CA GLN A 888 -48.14 -8.42 11.42
C GLN A 888 -49.62 -8.67 11.18
N SER A 889 -50.18 -9.67 11.84
CA SER A 889 -51.61 -9.96 11.80
C SER A 889 -52.20 -10.31 13.15
N GLY A 890 -51.39 -10.58 14.16
CA GLY A 890 -51.89 -11.03 15.45
C GLY A 890 -51.82 -12.53 15.66
N THR A 891 -51.19 -13.28 14.76
CA THR A 891 -51.07 -14.73 14.87
C THR A 891 -49.62 -15.09 15.17
N LEU A 892 -49.41 -15.75 16.30
CA LEU A 892 -48.09 -16.22 16.72
C LEU A 892 -48.07 -17.74 16.64
N LEU A 893 -47.03 -18.29 16.02
CA LEU A 893 -46.90 -19.71 15.81
C LEU A 893 -45.53 -20.20 16.25
N VAL A 894 -45.45 -21.50 16.55
CA VAL A 894 -44.22 -22.14 16.98
C VAL A 894 -43.91 -23.27 16.00
N ILE A 895 -42.66 -23.32 15.54
CA ILE A 895 -42.19 -24.37 14.64
C ILE A 895 -41.07 -25.13 15.34
N ASN A 896 -41.19 -26.45 15.38
CA ASN A 896 -40.18 -27.29 16.02
C ASN A 896 -38.91 -27.35 15.20
N SER A 912 -50.65 -7.27 15.46
CA SER A 912 -49.34 -7.21 14.83
C SER A 912 -48.23 -7.30 15.86
N VAL A 913 -47.72 -8.52 16.07
CA VAL A 913 -46.65 -8.73 17.04
C VAL A 913 -45.39 -8.03 16.58
N THR A 914 -44.75 -7.28 17.49
CA THR A 914 -43.58 -6.50 17.16
C THR A 914 -42.35 -6.84 17.99
N CYS A 915 -42.50 -7.48 19.14
CA CYS A 915 -41.35 -7.76 20.00
C CYS A 915 -41.56 -9.09 20.72
N LEU A 916 -40.58 -9.98 20.60
CA LEU A 916 -40.54 -11.23 21.34
C LEU A 916 -39.24 -11.29 22.12
N TYR A 917 -39.33 -11.59 23.41
CA TYR A 917 -38.17 -11.63 24.28
C TYR A 917 -38.23 -12.85 25.19
N CYS A 918 -37.06 -13.32 25.60
CA CYS A 918 -36.96 -14.47 26.49
C CYS A 918 -35.77 -14.34 27.42
N LEU A 931 -41.74 -16.03 28.27
CA LEU A 931 -41.77 -15.45 26.94
C LEU A 931 -42.59 -14.16 26.94
N LEU A 932 -42.08 -13.14 26.25
CA LEU A 932 -42.70 -11.84 26.19
C LEU A 932 -43.21 -11.57 24.79
N VAL A 933 -44.37 -10.92 24.69
CA VAL A 933 -44.98 -10.58 23.42
C VAL A 933 -45.33 -9.09 23.43
N GLY A 934 -44.88 -8.38 22.41
CA GLY A 934 -45.21 -6.97 22.28
C GLY A 934 -45.89 -6.66 20.97
N THR A 935 -47.14 -6.21 21.03
CA THR A 935 -47.94 -5.92 19.85
C THR A 935 -47.84 -4.44 19.49
N ALA A 936 -48.56 -4.07 18.44
CA ALA A 936 -48.59 -2.67 17.99
C ALA A 936 -49.60 -1.83 18.75
N ASP A 937 -50.37 -2.43 19.67
CA ASP A 937 -51.34 -1.69 20.47
C ASP A 937 -50.81 -1.34 21.85
N GLY A 938 -49.85 -2.09 22.38
CA GLY A 938 -49.28 -1.78 23.67
C GLY A 938 -49.35 -2.93 24.67
N LYS A 939 -50.08 -3.97 24.32
CA LYS A 939 -50.24 -5.11 25.23
C LYS A 939 -48.93 -5.86 25.41
N LEU A 940 -48.74 -6.41 26.60
CA LEU A 940 -47.52 -7.14 26.96
C LEU A 940 -47.96 -8.49 27.54
N ALA A 941 -47.92 -9.52 26.70
CA ALA A 941 -48.36 -10.85 27.10
C ALA A 941 -47.21 -11.62 27.76
N ILE A 942 -47.60 -12.66 28.51
CA ILE A 942 -46.65 -13.55 29.18
C ILE A 942 -47.00 -14.97 28.79
N PHE A 943 -46.00 -15.73 28.32
CA PHE A 943 -46.20 -17.12 27.96
C PHE A 943 -45.13 -18.02 28.56
N PRO A 955 -51.07 -17.78 28.00
CA PRO A 955 -51.49 -16.42 28.38
C PRO A 955 -51.63 -16.26 29.88
N LEU A 956 -50.50 -16.19 30.59
CA LEU A 956 -50.53 -16.05 32.04
C LEU A 956 -51.19 -14.74 32.45
N LYS A 957 -50.85 -13.63 31.79
CA LYS A 957 -51.46 -12.35 32.09
C LYS A 957 -51.20 -11.41 30.91
N ILE A 958 -51.91 -10.29 30.93
CA ILE A 958 -51.78 -9.25 29.91
C ILE A 958 -51.57 -7.92 30.64
N LEU A 959 -50.57 -7.15 30.18
CA LEU A 959 -50.21 -5.89 30.81
C LEU A 959 -50.46 -4.73 29.84
N ASN A 960 -51.63 -4.72 29.21
CA ASN A 960 -51.94 -3.76 28.16
C ASN A 960 -51.74 -2.32 28.66
N ILE A 961 -51.10 -1.52 27.81
CA ILE A 961 -50.78 -0.14 28.15
C ILE A 961 -51.68 0.82 27.37
N THR A 966 -47.61 4.05 21.41
CA THR A 966 -48.59 3.00 21.14
C THR A 966 -47.94 1.62 20.94
N PRO A 967 -47.05 1.46 19.94
CA PRO A 967 -46.50 0.13 19.67
C PRO A 967 -45.29 -0.23 20.51
N LEU A 968 -45.38 -1.34 21.24
CA LEU A 968 -44.31 -1.81 22.10
C LEU A 968 -43.29 -2.54 21.23
N MET A 969 -42.08 -1.98 21.12
CA MET A 969 -41.05 -2.53 20.24
C MET A 969 -39.73 -2.82 20.92
N CYS A 970 -39.57 -2.54 22.22
CA CYS A 970 -38.30 -2.71 22.90
C CYS A 970 -38.50 -3.51 24.18
N LEU A 971 -37.44 -4.21 24.59
CA LEU A 971 -37.44 -4.98 25.82
C LEU A 971 -36.01 -5.39 26.16
N SER A 972 -35.56 -5.13 27.39
CA SER A 972 -34.19 -5.42 27.78
C SER A 972 -34.14 -5.73 29.27
N GLU A 973 -33.04 -6.34 29.68
CA GLU A 973 -32.83 -6.71 31.09
C GLU A 973 -31.35 -6.76 31.38
N SER A 974 -30.92 -6.05 32.42
CA SER A 974 -29.53 -6.05 32.85
C SER A 974 -29.39 -5.46 34.24
N MET A 983 -35.76 -5.86 34.23
CA MET A 983 -36.68 -5.71 33.12
C MET A 983 -36.85 -4.25 32.70
N TRP A 984 -36.66 -3.98 31.41
CA TRP A 984 -36.83 -2.64 30.88
C TRP A 984 -37.37 -2.74 29.45
N GLY A 985 -37.98 -1.65 28.99
CA GLY A 985 -38.53 -1.62 27.65
C GLY A 985 -39.11 -0.27 27.34
N GLY A 986 -39.73 -0.17 26.17
CA GLY A 986 -40.37 1.07 25.78
C GLY A 986 -41.54 0.87 24.83
N CYS A 987 -42.69 1.45 25.19
CA CYS A 987 -43.89 1.43 24.37
C CYS A 987 -44.18 2.85 23.91
N GLY A 988 -44.12 3.08 22.61
CA GLY A 988 -44.22 4.45 22.13
C GLY A 988 -43.08 5.28 22.67
N THR A 989 -43.37 6.52 23.01
CA THR A 989 -42.39 7.43 23.59
C THR A 989 -42.45 7.43 25.12
N LYS A 990 -42.37 6.25 25.74
CA LYS A 990 -42.31 6.18 27.19
C LYS A 990 -41.64 4.88 27.60
N ILE A 991 -40.95 4.92 28.74
CA ILE A 991 -40.17 3.79 29.24
C ILE A 991 -40.88 3.21 30.46
N PHE A 992 -41.07 1.90 30.47
CA PHE A 992 -41.71 1.20 31.57
C PHE A 992 -40.72 0.21 32.18
N SER A 993 -41.19 -0.50 33.21
CA SER A 993 -40.38 -1.52 33.87
C SER A 993 -41.30 -2.50 34.56
N PHE A 994 -40.91 -3.78 34.55
CA PHE A 994 -41.67 -4.81 35.25
C PHE A 994 -40.80 -6.02 35.55
N THR A 999 -48.00 -4.95 36.80
CA THR A 999 -46.68 -5.03 37.42
C THR A 999 -45.73 -3.97 36.87
N ILE A 1000 -46.30 -2.92 36.29
CA ILE A 1000 -45.50 -1.86 35.67
C ILE A 1000 -44.95 -0.94 36.77
N GLN A 1001 -43.62 -0.87 36.87
CA GLN A 1001 -43.00 -0.17 37.99
C GLN A 1001 -42.86 1.33 37.71
N LYS A 1002 -42.06 1.69 36.69
CA LYS A 1002 -41.68 3.07 36.45
C LYS A 1002 -42.04 3.46 35.02
N LEU A 1003 -43.16 4.14 34.84
CA LEU A 1003 -43.58 4.63 33.53
C LEU A 1003 -42.88 5.95 33.24
N ILE A 1004 -41.58 5.84 32.95
CA ILE A 1004 -40.74 7.01 32.70
C ILE A 1004 -41.10 7.62 31.35
N GLU A 1005 -41.81 8.75 31.37
CA GLU A 1005 -42.18 9.41 30.13
C GLU A 1005 -40.96 10.11 29.56
N THR A 1006 -40.70 9.93 28.26
CA THR A 1006 -39.49 10.46 27.64
C THR A 1006 -39.76 11.43 26.50
N ARG A 1007 -41.01 11.75 26.19
CA ARG A 1007 -41.27 12.79 25.20
C ARG A 1007 -40.80 14.16 25.70
N THR A 1008 -40.82 14.38 27.01
CA THR A 1008 -40.42 15.65 27.58
C THR A 1008 -38.90 15.83 27.50
N SER A 1009 -38.37 15.90 26.29
CA SER A 1009 -36.95 16.16 26.09
C SER A 1009 -36.71 17.11 24.92
N GLN A 1010 -37.75 17.75 24.38
CA GLN A 1010 -37.59 18.64 23.25
C GLN A 1010 -36.73 19.85 23.57
N LEU A 1011 -36.51 20.13 24.86
CA LEU A 1011 -35.57 21.20 25.24
C LEU A 1011 -34.17 20.90 24.72
N PHE A 1012 -33.82 19.62 24.59
CA PHE A 1012 -32.54 19.21 24.02
C PHE A 1012 -32.82 18.51 22.69
N SER A 1013 -32.12 18.94 21.64
CA SER A 1013 -32.32 18.44 20.29
C SER A 1013 -33.74 18.73 19.80
N TYR A 1014 -34.07 18.28 18.59
CA TYR A 1014 -35.35 18.61 17.99
C TYR A 1014 -36.50 17.87 18.66
N ALA A 1015 -37.66 18.53 18.67
CA ALA A 1015 -38.88 17.87 19.13
C ALA A 1015 -39.26 16.73 18.20
N ALA A 1016 -38.89 16.82 16.92
CA ALA A 1016 -39.12 15.71 16.00
C ALA A 1016 -38.37 14.46 16.45
N PHE A 1017 -37.12 14.62 16.88
CA PHE A 1017 -36.37 13.49 17.42
C PHE A 1017 -36.93 13.05 18.77
N SER A 1018 -37.32 14.01 19.60
CA SER A 1018 -37.77 13.68 20.96
C SER A 1018 -39.08 12.90 20.93
N ASP A 1019 -39.99 13.24 20.03
CA ASP A 1019 -41.29 12.60 19.96
C ASP A 1019 -41.21 11.28 19.19
N ASN A 1021 -41.01 7.26 18.30
CA ASN A 1021 -41.12 6.03 19.07
C ASN A 1021 -39.75 5.43 19.32
N ILE A 1022 -39.61 4.72 20.44
CA ILE A 1022 -38.32 4.16 20.84
C ILE A 1022 -38.00 2.95 19.97
N ILE A 1023 -36.80 2.92 19.42
CA ILE A 1023 -36.37 1.82 18.57
C ILE A 1023 -35.83 0.67 19.42
N THR A 1024 -34.85 0.95 20.27
CA THR A 1024 -34.33 -0.03 21.22
C THR A 1024 -34.14 0.63 22.58
N VAL A 1025 -34.15 -0.21 23.61
CA VAL A 1025 -33.85 0.21 24.97
C VAL A 1025 -32.65 -0.62 25.45
N VAL A 1026 -31.60 0.06 25.88
CA VAL A 1026 -30.37 -0.58 26.33
C VAL A 1026 -30.00 0.03 27.68
N VAL A 1027 -29.75 -0.82 28.67
CA VAL A 1027 -29.50 -0.38 30.03
C VAL A 1027 -28.32 -1.16 30.61
N ASP A 1028 -27.30 -0.44 31.09
CA ASP A 1028 -26.27 -1.01 31.96
C ASP A 1028 -26.31 -0.37 33.34
N THR A 1029 -26.20 0.94 33.41
CA THR A 1029 -26.45 1.76 34.58
C THR A 1029 -27.42 2.88 34.29
N ALA A 1030 -27.37 3.45 33.09
CA ALA A 1030 -28.33 4.42 32.59
C ALA A 1030 -29.18 3.77 31.49
N LEU A 1031 -30.13 4.53 30.97
CA LEU A 1031 -31.04 4.04 29.94
C LEU A 1031 -30.64 4.68 28.61
N TYR A 1032 -29.91 3.92 27.79
CA TYR A 1032 -29.54 4.37 26.46
C TYR A 1032 -30.70 4.06 25.50
N ILE A 1033 -31.33 5.11 24.99
CA ILE A 1033 -32.55 4.99 24.21
C ILE A 1033 -32.28 5.47 22.79
N ALA A 1034 -32.71 4.69 21.81
CA ALA A 1034 -32.71 5.10 20.41
C ALA A 1034 -34.15 5.22 19.93
N LYS A 1035 -34.41 6.21 19.08
CA LYS A 1035 -35.75 6.51 18.64
C LYS A 1035 -35.83 6.47 17.11
N GLN A 1036 -37.07 6.38 16.62
CA GLN A 1036 -37.30 6.23 15.18
C GLN A 1036 -36.74 7.43 14.42
N ASN A 1037 -35.81 7.15 13.51
CA ASN A 1037 -35.19 8.16 12.65
C ASN A 1037 -34.51 9.26 13.44
N SER A 1038 -34.12 8.98 14.68
CA SER A 1038 -33.49 9.98 15.54
C SER A 1038 -32.00 9.70 15.62
N PRO A 1039 -31.14 10.57 15.10
CA PRO A 1039 -29.69 10.37 15.23
C PRO A 1039 -29.16 10.56 16.64
N VAL A 1040 -30.04 10.77 17.62
CA VAL A 1040 -29.63 11.07 19.00
C VAL A 1040 -29.96 9.86 19.87
N VAL A 1041 -28.96 9.37 20.59
CA VAL A 1041 -29.13 8.28 21.55
C VAL A 1041 -29.29 8.95 22.92
N GLU A 1042 -30.52 8.98 23.41
CA GLU A 1042 -30.79 9.61 24.71
C GLU A 1042 -30.28 8.73 25.85
N VAL A 1043 -29.83 9.38 26.90
CA VAL A 1043 -29.36 8.71 28.12
C VAL A 1043 -30.25 9.14 29.27
N TRP A 1044 -30.77 8.18 30.01
CA TRP A 1044 -31.70 8.45 31.09
C TRP A 1044 -31.26 7.70 32.34
N ASP A 1045 -31.51 8.32 33.51
CA ASP A 1045 -31.12 7.74 34.78
C ASP A 1045 -32.23 6.87 35.34
N LYS A 1046 -31.84 5.74 35.93
CA LYS A 1046 -32.81 4.83 36.53
C LYS A 1046 -32.60 4.74 38.04
N THR A 1048 -33.58 8.18 38.83
CA THR A 1048 -34.13 9.53 39.01
C THR A 1048 -35.13 9.86 37.91
N GLU A 1049 -35.19 9.00 36.90
CA GLU A 1049 -36.10 9.17 35.75
C GLU A 1049 -35.92 10.53 35.09
N LYS A 1050 -34.66 10.92 34.88
CA LYS A 1050 -34.32 12.19 34.26
C LYS A 1050 -33.25 11.99 33.21
N LEU A 1051 -33.25 12.87 32.21
CA LEU A 1051 -32.26 12.81 31.15
C LEU A 1051 -30.88 13.20 31.67
N CYS A 1052 -29.86 12.48 31.20
CA CYS A 1052 -28.50 12.72 31.65
C CYS A 1052 -27.53 13.08 30.53
N GLY A 1053 -27.98 13.11 29.29
CA GLY A 1053 -27.11 13.47 28.20
C GLY A 1053 -27.64 13.00 26.87
N LEU A 1054 -27.05 13.54 25.80
CA LEU A 1054 -27.40 13.21 24.44
C LEU A 1054 -26.16 12.76 23.68
N ILE A 1055 -26.32 11.74 22.86
CA ILE A 1055 -25.25 11.22 22.00
C ILE A 1055 -25.64 11.48 20.56
N ASP A 1056 -24.81 12.26 19.85
CA ASP A 1056 -25.07 12.60 18.46
C ASP A 1056 -24.23 11.70 17.57
N CYS A 1057 -24.89 10.81 16.82
CA CYS A 1057 -24.19 9.89 15.95
C CYS A 1057 -23.67 10.57 14.68
N VAL A 1058 -24.20 11.74 14.34
CA VAL A 1058 -23.68 12.48 13.20
C VAL A 1058 -22.51 13.38 13.57
N HIS A 1059 -22.38 13.73 14.86
CA HIS A 1059 -21.20 14.47 15.31
C HIS A 1059 -19.94 13.63 15.15
N PHE A 1060 -20.02 12.35 15.53
CA PHE A 1060 -18.86 11.47 15.39
C PHE A 1060 -18.55 11.18 13.93
N LEU A 1061 -19.58 11.07 13.10
CA LEU A 1061 -19.39 10.81 11.67
C LEU A 1061 -18.80 12.02 10.97
N TYR A 1078 -24.50 7.73 4.66
CA TYR A 1078 -24.01 8.72 5.62
C TYR A 1078 -25.10 9.06 6.63
N SER A 1079 -26.27 8.45 6.45
CA SER A 1079 -27.38 8.68 7.37
C SER A 1079 -26.98 8.24 8.78
N GLY A 1080 -26.91 9.20 9.69
CA GLY A 1080 -26.55 8.96 11.06
C GLY A 1080 -27.67 8.53 11.97
N ARG A 1081 -28.86 8.32 11.43
CA ARG A 1081 -30.00 7.89 12.23
C ARG A 1081 -29.75 6.50 12.80
N VAL A 1082 -30.09 6.33 14.08
CA VAL A 1082 -29.77 5.10 14.79
C VAL A 1082 -30.79 4.02 14.42
N LYS A 1083 -30.28 2.86 14.01
CA LYS A 1083 -31.11 1.69 13.73
C LYS A 1083 -31.06 0.66 14.85
N THR A 1084 -29.86 0.37 15.37
CA THR A 1084 -29.69 -0.64 16.40
C THR A 1084 -28.79 -0.10 17.51
N LEU A 1085 -28.96 -0.67 18.70
CA LEU A 1085 -28.08 -0.41 19.84
C LEU A 1085 -27.66 -1.73 20.44
N CYS A 1086 -26.39 -1.82 20.85
CA CYS A 1086 -25.89 -3.02 21.47
C CYS A 1086 -24.92 -2.64 22.60
N LEU A 1087 -24.85 -3.50 23.61
CA LEU A 1087 -24.01 -3.29 24.77
C LEU A 1087 -22.95 -4.38 24.86
N GLN A 1088 -21.72 -3.99 25.11
CA GLN A 1088 -20.65 -4.90 25.46
C GLN A 1088 -20.29 -4.66 26.92
N LYS A 1089 -19.94 -5.73 27.63
CA LYS A 1089 -19.83 -5.67 29.09
C LYS A 1089 -18.73 -4.71 29.52
N ASN A 1090 -19.13 -3.54 30.01
CA ASN A 1090 -18.20 -2.51 30.51
C ASN A 1090 -17.11 -2.18 29.50
N THR A 1091 -17.39 -2.36 28.22
CA THR A 1091 -16.40 -2.11 27.17
C THR A 1091 -16.80 -0.98 26.23
N ALA A 1092 -17.95 -1.08 25.57
CA ALA A 1092 -18.31 -0.11 24.55
C ALA A 1092 -19.80 -0.23 24.24
N LEU A 1093 -20.31 0.76 23.51
CA LEU A 1093 -21.67 0.75 23.01
C LEU A 1093 -21.62 0.72 21.49
N TRP A 1094 -22.29 -0.27 20.90
CA TRP A 1094 -22.33 -0.44 19.45
C TRP A 1094 -23.58 0.23 18.91
N ILE A 1095 -23.40 1.17 17.99
CA ILE A 1095 -24.50 1.90 17.38
C ILE A 1095 -24.49 1.60 15.89
N GLY A 1096 -25.60 1.04 15.39
CA GLY A 1096 -25.77 0.81 13.98
C GLY A 1096 -26.61 1.92 13.37
N THR A 1097 -25.99 2.70 12.50
CA THR A 1097 -26.63 3.87 11.93
C THR A 1097 -27.43 3.50 10.69
N GLY A 1098 -28.14 4.49 10.13
CA GLY A 1098 -28.89 4.25 8.90
C GLY A 1098 -28.02 3.85 7.73
N GLY A 1099 -26.81 4.39 7.66
CA GLY A 1099 -25.82 3.93 6.71
C GLY A 1099 -25.20 2.63 7.18
N GLY A 1100 -23.99 2.37 6.66
CA GLY A 1100 -23.29 1.15 7.00
C GLY A 1100 -22.27 1.33 8.11
N HIS A 1101 -22.42 2.40 8.89
CA HIS A 1101 -21.44 2.72 9.92
C HIS A 1101 -21.82 2.09 11.26
N ILE A 1102 -20.82 1.59 11.96
CA ILE A 1102 -20.96 1.16 13.34
C ILE A 1102 -20.06 2.03 14.19
N LEU A 1103 -20.63 2.70 15.19
CA LEU A 1103 -19.89 3.55 16.09
C LEU A 1103 -19.61 2.80 17.39
N LEU A 1104 -18.33 2.73 17.76
CA LEU A 1104 -17.92 2.14 19.02
C LEU A 1104 -17.60 3.28 19.99
N LEU A 1105 -18.45 3.47 20.99
CA LEU A 1105 -18.29 4.53 21.98
C LEU A 1105 -17.96 3.91 23.32
N ASP A 1106 -16.96 4.48 24.00
CA ASP A 1106 -16.61 4.01 25.33
C ASP A 1106 -17.77 4.23 26.30
N LEU A 1107 -18.03 3.23 27.13
CA LEU A 1107 -19.13 3.32 28.08
C LEU A 1107 -18.91 4.37 29.16
N SER A 1108 -17.65 4.70 29.46
CA SER A 1108 -17.35 5.62 30.55
C SER A 1108 -17.21 7.07 30.06
N THR A 1109 -16.28 7.31 29.15
CA THR A 1109 -15.97 8.66 28.71
C THR A 1109 -16.78 9.10 27.50
N ARG A 1110 -17.66 8.25 26.98
CA ARG A 1110 -18.49 8.55 25.81
C ARG A 1110 -17.66 8.92 24.59
N ARG A 1111 -16.38 8.55 24.58
CA ARG A 1111 -15.49 8.88 23.47
C ARG A 1111 -15.60 7.84 22.38
N LEU A 1112 -15.40 8.28 21.13
CA LEU A 1112 -15.45 7.38 20.00
C LEU A 1112 -14.20 6.50 19.97
N ILE A 1113 -14.40 5.19 19.80
CA ILE A 1113 -13.28 4.28 19.60
C ILE A 1113 -12.93 4.14 18.13
N ARG A 1114 -13.95 3.89 17.30
CA ARG A 1114 -13.76 3.75 15.86
C ARG A 1114 -15.13 3.75 15.19
N VAL A 1115 -15.17 4.24 13.97
CA VAL A 1115 -16.34 4.14 13.10
C VAL A 1115 -16.02 3.06 12.06
N ILE A 1116 -16.74 1.94 12.12
CA ILE A 1116 -16.50 0.86 11.19
C ILE A 1116 -16.98 1.27 9.81
N TYR A 1117 -16.11 1.12 8.81
CA TYR A 1117 -16.40 1.60 7.48
C TYR A 1117 -17.59 0.85 6.87
N ASN A 1118 -18.01 1.30 5.69
CA ASN A 1118 -19.21 0.78 5.06
C ASN A 1118 -18.93 -0.60 4.49
N PHE A 1119 -19.03 -1.61 5.36
CA PHE A 1119 -19.00 -2.98 4.89
C PHE A 1119 -20.21 -3.27 4.02
N CYS A 1120 -21.37 -2.72 4.41
CA CYS A 1120 -22.58 -2.81 3.60
C CYS A 1120 -23.29 -1.45 3.73
N ASN A 1121 -24.51 -1.36 3.21
CA ASN A 1121 -25.15 -0.06 3.00
C ASN A 1121 -26.05 0.39 4.14
N SER A 1122 -26.61 -0.53 4.93
CA SER A 1122 -27.55 -0.13 5.97
C SER A 1122 -27.64 -1.23 7.02
N VAL A 1123 -27.26 -0.91 8.25
CA VAL A 1123 -27.35 -1.88 9.34
C VAL A 1123 -28.82 -2.03 9.72
N ARG A 1124 -29.34 -3.25 9.60
CA ARG A 1124 -30.74 -3.52 9.87
C ARG A 1124 -30.97 -3.97 11.30
N VAL A 1125 -30.34 -5.07 11.70
CA VAL A 1125 -30.47 -5.60 13.05
C VAL A 1125 -29.11 -6.13 13.49
N MET A 1126 -28.73 -5.81 14.72
CA MET A 1126 -27.45 -6.22 15.29
C MET A 1126 -27.67 -6.89 16.63
N MET A 1127 -26.94 -7.97 16.87
CA MET A 1127 -27.01 -8.69 18.14
C MET A 1127 -25.68 -9.40 18.38
N THR A 1128 -25.48 -9.81 19.63
CA THR A 1128 -24.32 -10.61 20.01
C THR A 1128 -24.75 -12.06 20.20
N ALA A 1129 -23.98 -12.98 19.63
CA ALA A 1129 -24.31 -14.39 19.65
C ALA A 1129 -23.09 -15.21 20.06
N GLN A 1130 -23.35 -16.45 20.44
CA GLN A 1130 -22.32 -17.41 20.81
C GLN A 1130 -22.07 -18.32 19.61
N LEU A 1131 -20.96 -18.10 18.93
CA LEU A 1131 -20.62 -18.87 17.73
C LEU A 1131 -20.16 -20.27 18.10
N LYS A 1135 -16.30 -18.57 21.64
CA LYS A 1135 -15.97 -17.46 20.76
C LYS A 1135 -17.14 -16.48 20.65
N ASN A 1136 -17.18 -15.50 21.56
CA ASN A 1136 -18.23 -14.50 21.54
C ASN A 1136 -18.08 -13.60 20.32
N VAL A 1137 -19.16 -13.42 19.57
CA VAL A 1137 -19.15 -12.61 18.36
C VAL A 1137 -20.35 -11.68 18.37
N MET A 1138 -20.30 -10.67 17.52
CA MET A 1138 -21.39 -9.74 17.32
C MET A 1138 -21.95 -9.93 15.92
N LEU A 1139 -23.24 -10.20 15.83
CA LEU A 1139 -23.90 -10.53 14.56
C LEU A 1139 -24.54 -9.27 14.01
N VAL A 1140 -24.08 -8.85 12.83
CA VAL A 1140 -24.58 -7.64 12.19
C VAL A 1140 -25.26 -8.03 10.89
N LEU A 1141 -26.51 -7.62 10.72
CA LEU A 1141 -27.26 -7.84 9.49
C LEU A 1141 -27.39 -6.52 8.76
N GLY A 1142 -26.94 -6.48 7.51
CA GLY A 1142 -26.93 -5.27 6.73
C GLY A 1142 -27.63 -5.45 5.40
N TYR A 1143 -27.81 -4.33 4.71
CA TYR A 1143 -28.39 -4.29 3.38
C TYR A 1143 -27.40 -3.68 2.40
N ASN A 1144 -27.74 -3.75 1.11
CA ASN A 1144 -26.91 -3.16 0.07
C ASN A 1144 -27.74 -2.43 -0.98
N ARG A 1145 -28.94 -1.99 -0.63
CA ARG A 1145 -29.81 -1.28 -1.56
C ARG A 1145 -29.21 0.05 -2.00
N ILE A 1157 -31.21 -4.95 -4.01
CA ILE A 1157 -31.35 -5.29 -2.60
C ILE A 1157 -30.65 -6.61 -2.31
N GLN A 1158 -29.47 -6.53 -1.72
CA GLN A 1158 -28.68 -7.71 -1.36
C GLN A 1158 -28.55 -7.76 0.16
N SER A 1159 -29.12 -8.80 0.76
CA SER A 1159 -28.97 -8.99 2.20
C SER A 1159 -27.51 -9.29 2.54
N CYS A 1160 -27.13 -8.95 3.77
CA CYS A 1160 -25.71 -8.84 4.10
C CYS A 1160 -25.54 -9.20 5.57
N LEU A 1161 -24.92 -10.34 5.83
CA LEU A 1161 -24.66 -10.81 7.19
C LEU A 1161 -23.16 -10.78 7.46
N THR A 1162 -22.77 -10.16 8.57
CA THR A 1162 -21.37 -10.02 8.94
C THR A 1162 -21.19 -10.46 10.38
N VAL A 1163 -20.10 -11.18 10.65
CA VAL A 1163 -19.79 -11.69 11.98
C VAL A 1163 -18.51 -11.00 12.44
N TRP A 1164 -18.58 -10.32 13.59
CA TRP A 1164 -17.47 -9.55 14.12
C TRP A 1164 -17.02 -10.14 15.44
N ASP A 1165 -15.71 -10.16 15.65
CA ASP A 1165 -15.18 -10.54 16.96
C ASP A 1165 -15.56 -9.50 18.00
N ILE A 1166 -15.96 -9.97 19.18
CA ILE A 1166 -16.46 -9.07 20.21
C ILE A 1166 -15.36 -8.20 20.82
N ASN A 1167 -14.09 -8.46 20.52
CA ASN A 1167 -12.98 -7.67 21.00
C ASN A 1167 -12.54 -6.60 20.01
N LEU A 1168 -13.48 -6.07 19.21
CA LEU A 1168 -13.13 -5.05 18.23
C LEU A 1168 -12.57 -3.77 18.85
N PRO A 1169 -13.17 -3.19 19.90
CA PRO A 1169 -12.56 -1.97 20.49
C PRO A 1169 -11.19 -2.22 21.10
N HIS A 1170 -11.04 -3.34 21.81
CA HIS A 1170 -9.75 -3.66 22.40
C HIS A 1170 -8.70 -3.86 21.32
N GLU A 1171 -9.08 -4.50 20.21
CA GLU A 1171 -8.11 -4.71 19.13
C GLU A 1171 -7.77 -3.41 18.44
N VAL A 1172 -8.74 -2.50 18.30
CA VAL A 1172 -8.44 -1.18 17.74
C VAL A 1172 -7.40 -0.47 18.59
N GLN A 1173 -7.63 -0.43 19.91
CA GLN A 1173 -6.69 0.24 20.81
C GLN A 1173 -5.34 -0.44 20.80
N ASN A 1174 -5.31 -1.77 20.82
CA ASN A 1174 -4.05 -2.49 20.82
C ASN A 1174 -3.27 -2.24 19.54
N LEU A 1175 -3.96 -2.23 18.39
CA LEU A 1175 -3.27 -2.00 17.13
C LEU A 1175 -2.71 -0.59 17.04
N GLU A 1176 -3.48 0.42 17.49
CA GLU A 1176 -2.96 1.79 17.42
C GLU A 1176 -1.77 1.96 18.37
N LYS A 1177 -1.84 1.38 19.56
CA LYS A 1177 -0.70 1.46 20.49
C LYS A 1177 0.51 0.73 19.93
N HIS A 1178 0.30 -0.43 19.31
CA HIS A 1178 1.37 -1.19 18.71
C HIS A 1178 2.05 -0.40 17.59
N ILE A 1179 1.24 0.24 16.74
CA ILE A 1179 1.81 1.02 15.64
C ILE A 1179 2.61 2.20 16.17
N GLU A 1180 2.09 2.88 17.20
CA GLU A 1180 2.84 3.99 17.79
C GLU A 1180 4.16 3.54 18.39
N VAL A 1181 4.13 2.41 19.12
CA VAL A 1181 5.35 1.88 19.73
C VAL A 1181 6.37 1.53 18.65
N ARG A 1182 5.93 0.87 17.58
CA ARG A 1182 6.85 0.52 16.51
C ARG A 1182 7.38 1.76 15.79
N LYS A 1183 6.56 2.80 15.65
CA LYS A 1183 7.03 4.04 15.05
C LYS A 1183 8.12 4.69 15.90
N GLU A 1184 7.93 4.71 17.23
CA GLU A 1184 8.95 5.28 18.10
C GLU A 1184 10.23 4.43 18.06
N LEU A 1185 10.08 3.10 17.97
CA LEU A 1185 11.25 2.24 17.84
C LEU A 1185 12.01 2.51 16.55
N ALA A 1186 11.27 2.68 15.44
CA ALA A 1186 11.92 2.96 14.17
C ALA A 1186 12.64 4.31 14.21
N GLU A 1187 12.03 5.31 14.85
CA GLU A 1187 12.71 6.59 15.00
C GLU A 1187 13.98 6.45 15.83
N LYS A 1188 13.91 5.68 16.92
CA LYS A 1188 15.09 5.51 17.78
C LYS A 1188 16.19 4.71 17.09
N MET A 1189 15.83 3.83 16.15
CA MET A 1189 16.84 3.02 15.46
C MET A 1189 17.85 3.89 14.74
N ARG A 1190 17.39 4.91 14.02
CA ARG A 1190 18.26 5.78 13.26
C ARG A 1190 18.84 6.88 14.15
N GLY B 17 -24.60 37.40 22.92
CA GLY B 17 -24.50 35.97 23.13
C GLY B 17 -25.62 35.19 22.47
N LYS B 18 -25.43 33.88 22.34
CA LYS B 18 -26.42 33.00 21.73
C LYS B 18 -27.48 32.59 22.75
N LYS B 19 -28.28 33.57 23.17
CA LYS B 19 -29.35 33.36 24.14
C LYS B 19 -30.74 33.45 23.51
N LEU B 20 -30.82 33.45 22.18
CA LEU B 20 -32.09 33.52 21.49
C LEU B 20 -32.62 32.15 21.08
N LEU B 21 -31.75 31.15 20.99
CA LEU B 21 -32.19 29.81 20.60
C LEU B 21 -33.20 29.24 21.59
N GLU B 22 -32.94 29.41 22.89
CA GLU B 22 -33.86 28.89 23.90
C GLU B 22 -35.18 29.63 23.88
N ALA B 23 -35.19 30.90 23.49
CA ALA B 23 -36.44 31.65 23.42
C ALA B 23 -37.40 31.05 22.40
N ALA B 24 -36.88 30.69 21.24
CA ALA B 24 -37.72 30.06 20.22
C ALA B 24 -38.15 28.65 20.62
N ARG B 25 -37.32 27.96 21.40
CA ARG B 25 -37.64 26.60 21.82
C ARG B 25 -38.82 26.58 22.80
N ALA B 26 -38.90 27.59 23.66
CA ALA B 26 -39.97 27.65 24.66
C ALA B 26 -40.98 28.74 24.31
N THR B 45 -26.33 30.26 16.06
CA THR B 45 -26.23 28.83 15.81
C THR B 45 -25.83 28.07 17.07
N ASP B 46 -25.24 26.89 16.87
CA ASP B 46 -24.79 26.04 17.97
C ASP B 46 -23.79 25.04 17.41
N GLU B 47 -23.43 24.04 18.22
CA GLU B 47 -22.50 23.01 17.77
C GLU B 47 -23.06 22.27 16.57
N ALA B 48 -24.34 21.87 16.63
CA ALA B 48 -24.98 21.25 15.48
C ALA B 48 -25.19 22.26 14.36
N GLY B 49 -25.43 23.52 14.72
CA GLY B 49 -25.70 24.54 13.74
C GLY B 49 -27.18 24.86 13.64
N VAL B 50 -27.86 24.89 14.79
CA VAL B 50 -29.30 25.09 14.83
C VAL B 50 -29.58 26.58 15.00
N THR B 51 -30.36 27.13 14.10
CA THR B 51 -30.91 28.48 14.00
C THR B 51 -32.26 28.55 14.71
N PRO B 52 -32.56 29.64 15.42
CA PRO B 52 -33.84 29.73 16.13
C PRO B 52 -35.05 29.59 15.21
N LEU B 53 -34.90 29.84 13.91
CA LEU B 53 -35.98 29.55 12.97
C LEU B 53 -36.25 28.05 12.91
N HIS B 54 -35.20 27.23 12.98
CA HIS B 54 -35.40 25.77 13.01
C HIS B 54 -36.22 25.36 14.21
N LEU B 55 -35.89 25.90 15.39
CA LEU B 55 -36.62 25.54 16.60
C LEU B 55 -38.06 26.06 16.55
N ALA B 56 -38.25 27.27 16.01
CA ALA B 56 -39.60 27.81 15.90
C ALA B 56 -40.46 26.96 14.98
N ALA B 57 -39.90 26.52 13.85
CA ALA B 57 -40.65 25.66 12.93
C ALA B 57 -40.92 24.29 13.55
N ASP B 58 -39.94 23.74 14.26
CA ASP B 58 -40.09 22.41 14.83
C ASP B 58 -41.06 22.41 16.00
N SER B 59 -40.97 23.42 16.88
CA SER B 59 -41.80 23.45 18.07
C SER B 59 -43.26 23.76 17.78
N GLY B 60 -43.59 24.21 16.58
CA GLY B 60 -44.96 24.54 16.25
C GLY B 60 -45.32 26.00 16.40
N HIS B 61 -44.34 26.89 16.56
CA HIS B 61 -44.60 28.30 16.76
C HIS B 61 -44.57 29.02 15.41
N LEU B 62 -45.71 29.57 15.00
CA LEU B 62 -45.80 30.28 13.73
C LEU B 62 -45.52 31.77 13.89
N GLU B 63 -45.86 32.37 15.04
CA GLU B 63 -45.59 33.78 15.25
C GLU B 63 -44.09 34.07 15.28
N ILE B 64 -43.32 33.20 15.94
CA ILE B 64 -41.88 33.39 15.98
C ILE B 64 -41.28 33.23 14.59
N VAL B 65 -41.82 32.29 13.80
CA VAL B 65 -41.37 32.14 12.42
C VAL B 65 -41.67 33.41 11.62
N GLU B 66 -42.86 33.97 11.79
CA GLU B 66 -43.24 35.17 11.04
C GLU B 66 -42.36 36.35 11.42
N VAL B 67 -42.09 36.53 12.71
CA VAL B 67 -41.28 37.67 13.13
C VAL B 67 -39.80 37.43 12.80
N LEU B 68 -39.39 36.17 12.66
CA LEU B 68 -38.01 35.90 12.27
C LEU B 68 -37.79 36.16 10.78
N LEU B 69 -38.81 35.89 9.96
CA LEU B 69 -38.70 36.20 8.54
C LEU B 69 -38.62 37.71 8.32
N LYS B 70 -39.38 38.48 9.09
CA LYS B 70 -39.31 39.94 9.00
C LYS B 70 -37.93 40.43 9.43
N THR B 71 -37.34 39.80 10.44
CA THR B 71 -36.01 40.18 10.89
C THR B 71 -34.95 39.92 9.82
N GLY B 72 -35.23 39.04 8.87
CA GLY B 72 -34.28 38.75 7.80
C GLY B 72 -33.38 37.56 8.11
N ALA B 73 -33.99 36.45 8.50
CA ALA B 73 -33.23 35.24 8.82
C ALA B 73 -32.95 34.45 7.54
N ASP B 74 -32.36 33.28 7.69
CA ASP B 74 -32.05 32.39 6.57
C ASP B 74 -33.03 31.23 6.57
N VAL B 75 -33.71 31.02 5.44
CA VAL B 75 -34.68 29.95 5.31
C VAL B 75 -34.08 28.69 4.69
N ASN B 76 -32.85 28.78 4.19
CA ASN B 76 -32.16 27.65 3.58
C ASN B 76 -30.86 27.37 4.32
N ALA B 77 -30.90 27.46 5.65
CA ALA B 77 -29.73 27.22 6.48
C ALA B 77 -29.71 25.75 6.90
N TRP B 78 -28.60 25.08 6.64
CA TRP B 78 -28.45 23.66 6.95
C TRP B 78 -27.56 23.49 8.16
N ASP B 79 -27.93 22.57 9.04
CA ASP B 79 -27.15 22.26 10.23
C ASP B 79 -26.30 21.02 9.96
N HIS B 80 -25.66 20.50 11.01
CA HIS B 80 -24.88 19.27 10.86
C HIS B 80 -25.76 18.12 10.37
N TYR B 81 -27.01 18.06 10.85
CA TYR B 81 -27.94 17.04 10.39
C TYR B 81 -28.38 17.25 8.94
N GLY B 82 -28.14 18.43 8.38
CA GLY B 82 -28.51 18.70 7.01
C GLY B 82 -29.93 19.16 6.80
N PHE B 83 -30.68 19.44 7.87
CA PHE B 83 -32.07 19.82 7.75
C PHE B 83 -32.21 21.33 7.57
N THR B 84 -33.35 21.73 7.03
CA THR B 84 -33.78 23.10 6.83
C THR B 84 -35.13 23.27 7.49
N PRO B 85 -35.55 24.50 7.80
CA PRO B 85 -36.83 24.69 8.51
C PRO B 85 -38.00 23.99 7.84
N LEU B 86 -38.01 23.90 6.51
CA LEU B 86 -39.06 23.15 5.83
C LEU B 86 -39.00 21.67 6.18
N HIS B 87 -37.78 21.12 6.32
CA HIS B 87 -37.64 19.71 6.68
C HIS B 87 -38.29 19.42 8.03
N LEU B 88 -37.96 20.22 9.06
CA LEU B 88 -38.55 20.02 10.37
C LEU B 88 -40.06 20.29 10.34
N ALA B 89 -40.48 21.31 9.62
CA ALA B 89 -41.91 21.62 9.54
C ALA B 89 -42.69 20.45 8.94
N ALA B 90 -42.16 19.82 7.90
CA ALA B 90 -42.79 18.64 7.34
C ALA B 90 -42.70 17.46 8.29
N HIS B 91 -41.60 17.36 9.03
CA HIS B 91 -41.43 16.23 9.95
C HIS B 91 -42.47 16.24 11.07
N VAL B 92 -42.68 17.41 11.68
CA VAL B 92 -43.66 17.49 12.77
C VAL B 92 -45.08 17.37 12.23
N GLY B 93 -45.40 18.16 11.20
CA GLY B 93 -46.72 18.07 10.59
C GLY B 93 -47.57 19.32 10.69
N HIS B 94 -46.91 20.48 10.77
CA HIS B 94 -47.61 21.76 10.87
C HIS B 94 -47.73 22.36 9.46
N LEU B 95 -48.90 22.19 8.85
CA LEU B 95 -49.08 22.66 7.47
C LEU B 95 -49.09 24.19 7.38
N GLU B 96 -49.56 24.87 8.43
CA GLU B 96 -49.53 26.33 8.42
C GLU B 96 -48.09 26.85 8.36
N ILE B 97 -47.20 26.26 9.15
CA ILE B 97 -45.79 26.63 9.11
C ILE B 97 -45.21 26.30 7.73
N VAL B 98 -45.64 25.19 7.15
CA VAL B 98 -45.18 24.84 5.80
C VAL B 98 -45.57 25.93 4.81
N GLU B 99 -46.81 26.43 4.90
CA GLU B 99 -47.24 27.50 4.02
C GLU B 99 -46.43 28.77 4.26
N VAL B 100 -46.17 29.09 5.53
CA VAL B 100 -45.41 30.31 5.85
C VAL B 100 -44.01 30.24 5.26
N LEU B 101 -43.33 29.10 5.41
CA LEU B 101 -42.00 28.97 4.83
C LEU B 101 -42.00 28.80 3.32
N LEU B 102 -43.10 28.34 2.74
CA LEU B 102 -43.20 28.24 1.28
C LEU B 102 -43.58 29.56 0.63
N LYS B 103 -44.09 30.51 1.41
CA LYS B 103 -44.32 31.85 0.87
C LYS B 103 -43.08 32.73 0.98
N ALA B 104 -42.18 32.40 1.91
CA ALA B 104 -40.94 33.17 2.07
C ALA B 104 -39.93 32.88 0.98
N GLY B 105 -40.10 31.81 0.22
CA GLY B 105 -39.18 31.48 -0.86
C GLY B 105 -38.12 30.47 -0.46
N ALA B 106 -38.55 29.37 0.17
CA ALA B 106 -37.63 28.33 0.58
C ALA B 106 -37.32 27.41 -0.61
N ASP B 107 -36.53 26.37 -0.34
CA ASP B 107 -36.24 25.34 -1.33
C ASP B 107 -37.20 24.18 -1.11
N VAL B 108 -38.04 23.92 -2.11
CA VAL B 108 -39.05 22.87 -2.00
C VAL B 108 -38.44 21.48 -2.07
N ASN B 109 -37.26 21.34 -2.68
CA ASN B 109 -36.59 20.05 -2.83
C ASN B 109 -35.15 20.23 -2.37
N ALA B 110 -34.89 19.94 -1.11
CA ALA B 110 -33.57 20.04 -0.51
C ALA B 110 -33.16 18.69 0.06
N GLN B 111 -31.88 18.36 -0.07
CA GLN B 111 -31.37 17.06 0.34
C GLN B 111 -30.54 17.22 1.61
N ASP B 112 -30.90 16.47 2.64
CA ASP B 112 -30.17 16.46 3.91
C ASP B 112 -28.97 15.52 3.78
N HIS B 113 -28.33 15.22 4.92
CA HIS B 113 -27.20 14.30 4.92
C HIS B 113 -27.59 12.93 4.39
N ALA B 114 -28.82 12.49 4.66
CA ALA B 114 -29.34 11.23 4.16
C ALA B 114 -29.93 11.34 2.77
N GLY B 115 -29.86 12.51 2.14
CA GLY B 115 -30.45 12.70 0.83
C GLY B 115 -31.96 12.66 0.82
N TRP B 116 -32.60 13.18 1.87
CA TRP B 116 -34.05 13.19 1.99
C TRP B 116 -34.58 14.60 1.75
N THR B 117 -35.75 14.68 1.15
CA THR B 117 -36.49 15.90 0.87
C THR B 117 -37.77 15.94 1.69
N PRO B 118 -38.37 17.12 1.87
CA PRO B 118 -39.61 17.19 2.65
C PRO B 118 -40.72 16.27 2.17
N LEU B 119 -40.69 15.83 0.91
CA LEU B 119 -41.69 14.88 0.43
C LEU B 119 -41.58 13.55 1.17
N HIS B 120 -40.35 13.06 1.38
CA HIS B 120 -40.17 11.82 2.11
C HIS B 120 -40.69 11.93 3.53
N LEU B 121 -40.38 13.04 4.20
CA LEU B 121 -40.84 13.22 5.59
C LEU B 121 -42.35 13.40 5.66
N ALA B 122 -42.95 14.01 4.65
CA ALA B 122 -44.40 14.19 4.65
C ALA B 122 -45.14 12.90 4.36
N ALA B 123 -44.63 12.08 3.44
CA ALA B 123 -45.26 10.80 3.14
C ALA B 123 -44.91 9.71 4.13
N LEU B 124 -43.85 9.89 4.93
CA LEU B 124 -43.47 8.88 5.91
C LEU B 124 -44.37 8.91 7.14
N TYR B 125 -44.85 10.09 7.53
CA TYR B 125 -45.67 10.25 8.72
C TYR B 125 -47.14 10.49 8.40
N GLY B 126 -47.56 10.19 7.17
CA GLY B 126 -48.96 10.31 6.80
C GLY B 126 -49.51 11.71 6.80
N HIS B 127 -48.73 12.69 6.33
CA HIS B 127 -49.16 14.08 6.26
C HIS B 127 -49.66 14.35 4.85
N LEU B 128 -50.91 13.98 4.60
CA LEU B 128 -51.48 14.11 3.26
C LEU B 128 -51.63 15.57 2.84
N GLU B 129 -52.06 16.43 3.77
CA GLU B 129 -52.20 17.84 3.45
C GLU B 129 -50.86 18.47 3.10
N ILE B 130 -49.82 18.12 3.85
CA ILE B 130 -48.49 18.65 3.55
C ILE B 130 -47.98 18.10 2.22
N VAL B 131 -48.30 16.83 1.92
CA VAL B 131 -47.92 16.26 0.64
C VAL B 131 -48.57 17.03 -0.50
N GLU B 132 -49.87 17.33 -0.36
CA GLU B 132 -50.57 18.07 -1.40
C GLU B 132 -50.01 19.48 -1.54
N VAL B 133 -49.72 20.15 -0.42
CA VAL B 133 -49.21 21.51 -0.47
C VAL B 133 -47.82 21.56 -1.09
N LEU B 134 -47.00 20.53 -0.83
CA LEU B 134 -45.63 20.53 -1.34
C LEU B 134 -45.60 20.41 -2.86
N LEU B 135 -46.49 19.59 -3.43
CA LEU B 135 -46.45 19.33 -4.86
C LEU B 135 -47.01 20.46 -5.70
N LYS B 136 -47.47 21.55 -5.07
CA LYS B 136 -47.99 22.70 -5.81
C LYS B 136 -46.94 23.75 -6.08
N HIS B 137 -45.78 23.70 -5.40
CA HIS B 137 -44.73 24.69 -5.56
C HIS B 137 -43.57 24.19 -6.42
N GLY B 138 -43.73 23.05 -7.09
CA GLY B 138 -42.67 22.50 -7.91
C GLY B 138 -41.94 21.32 -7.32
N ALA B 139 -42.60 20.51 -6.50
CA ALA B 139 -41.93 19.40 -5.82
C ALA B 139 -41.48 18.34 -6.81
N ASP B 140 -40.29 17.79 -6.56
CA ASP B 140 -39.79 16.66 -7.33
C ASP B 140 -40.34 15.38 -6.70
N VAL B 141 -41.28 14.73 -7.40
CA VAL B 141 -41.91 13.52 -6.89
C VAL B 141 -41.10 12.27 -7.22
N ASN B 142 -40.03 12.40 -8.00
CA ASN B 142 -39.18 11.28 -8.36
C ASN B 142 -37.77 11.44 -7.80
N ALA B 143 -37.66 11.98 -6.59
CA ALA B 143 -36.36 12.18 -5.96
C ALA B 143 -35.89 10.89 -5.29
N GLN B 144 -34.67 10.50 -5.61
CA GLN B 144 -34.07 9.26 -5.08
C GLN B 144 -33.09 9.62 -3.98
N ASP B 145 -33.31 9.05 -2.80
CA ASP B 145 -32.41 9.28 -1.68
C ASP B 145 -31.14 8.44 -1.84
N MET B 146 -30.27 8.49 -0.83
CA MET B 146 -29.01 7.78 -0.92
C MET B 146 -29.21 6.26 -0.93
N TRP B 147 -30.35 5.78 -0.44
CA TRP B 147 -30.72 4.37 -0.57
C TRP B 147 -31.39 4.06 -1.90
N GLY B 148 -31.86 5.07 -2.63
CA GLY B 148 -32.52 4.86 -3.89
C GLY B 148 -34.03 4.87 -3.87
N GLU B 149 -34.64 5.24 -2.75
CA GLU B 149 -36.10 5.23 -2.63
C GLU B 149 -36.68 6.59 -3.02
N THR B 150 -37.89 6.55 -3.54
CA THR B 150 -38.69 7.72 -3.89
C THR B 150 -39.77 7.96 -2.85
N PRO B 151 -40.36 9.16 -2.83
CA PRO B 151 -41.45 9.42 -1.86
C PRO B 151 -42.58 8.41 -1.94
N PHE B 152 -42.89 7.90 -3.13
CA PHE B 152 -43.94 6.89 -3.25
C PHE B 152 -43.57 5.61 -2.51
N ASP B 153 -42.28 5.24 -2.49
CA ASP B 153 -41.85 4.06 -1.77
C ASP B 153 -42.13 4.19 -0.28
N LEU B 154 -41.79 5.35 0.30
CA LEU B 154 -42.04 5.55 1.73
C LEU B 154 -43.54 5.71 2.01
N ALA B 155 -44.30 6.22 1.05
CA ALA B 155 -45.75 6.32 1.24
C ALA B 155 -46.41 4.94 1.19
N ILE B 156 -45.85 4.02 0.41
CA ILE B 156 -46.45 2.70 0.30
C ILE B 156 -45.97 1.77 1.41
N ASP B 157 -44.73 1.95 1.89
CA ASP B 157 -44.20 1.09 2.93
C ASP B 157 -44.70 1.46 4.32
N ASN B 158 -45.38 2.59 4.48
CA ASN B 158 -45.90 3.00 5.78
C ASN B 158 -47.32 3.54 5.68
N GLY B 159 -48.10 3.03 4.74
CA GLY B 159 -49.48 3.46 4.57
C GLY B 159 -49.61 4.89 4.07
C1 A1N C . 15.24 -23.21 16.59
N1 A1N C . 17.19 -20.42 15.39
O1 A1N C . 16.33 -21.47 17.61
C2 A1N C . 16.48 -22.38 16.65
N2 A1N C . 17.60 -18.76 11.76
O2 A1N C . 19.81 -15.99 8.13
C3 A1N C . 16.77 -21.78 15.34
N3 A1N C . 16.94 -20.43 13.14
C4 A1N C . 17.43 -19.72 16.61
N4 A1N C . 18.80 -16.21 13.77
C5 A1N C . 17.40 -20.69 17.73
N5 A1N C . 19.38 -15.10 13.41
C6 A1N C . 17.38 -20.08 19.10
C7 A1N C . 17.36 -19.81 14.13
C8 A1N C . 17.91 -18.64 14.07
C9 A1N C . 18.05 -18.09 12.86
C10 A1N C . 17.04 -19.95 11.99
C11 A1N C . 18.70 -16.75 12.79
C12 A1N C . 19.62 -15.07 12.03
C13 A1N C . 20.16 -14.21 11.18
C14 A1N C . 20.20 -14.55 9.93
C15 A1N C . 19.71 -15.72 9.51
C16 A1N C . 18.95 -16.84 7.53
C17 A1N C . 17.56 -16.36 7.25
C18 A1N C . 19.23 -18.31 7.44
C19 A1N C . 19.77 -17.39 6.40
C20 A1N C . 19.18 -16.56 10.38
C21 A1N C . 19.12 -16.27 11.64
PB GDP D . 26.56 9.04 -41.35
O1B GDP D . 25.44 8.08 -41.68
O2B GDP D . 26.08 10.03 -40.31
O3B GDP D . 27.74 8.28 -40.81
O3A GDP D . 26.99 9.82 -42.69
PA GDP D . 27.41 8.97 -43.99
O1A GDP D . 26.18 8.49 -44.73
O2A GDP D . 28.29 7.81 -43.61
O5' GDP D . 28.23 10.02 -44.90
C5' GDP D . 29.07 9.52 -45.93
C4' GDP D . 29.84 10.64 -46.62
O4' GDP D . 31.12 10.15 -46.99
C3' GDP D . 29.14 11.09 -47.89
O3' GDP D . 28.79 12.46 -47.81
C2' GDP D . 30.13 10.86 -49.02
O2' GDP D . 30.34 12.08 -49.73
C1' GDP D . 31.42 10.40 -48.36
N9 GDP D . 31.91 9.16 -48.99
C8 GDP D . 31.53 7.91 -48.66
N7 GDP D . 32.17 6.99 -49.42
C5 GDP D . 32.99 7.65 -50.26
C6 GDP D . 33.95 7.29 -51.33
O6 GDP D . 34.15 6.09 -51.63
N1 GDP D . 34.60 8.27 -51.96
C2 GDP D . 34.40 9.57 -51.65
N2 GDP D . 35.09 10.51 -52.34
N3 GDP D . 33.54 9.98 -50.69
C4 GDP D . 32.81 9.08 -49.97
#